data_5V8V
#
_entry.id   5V8V
#
_cell.length_a   54.367
_cell.length_b   99.014
_cell.length_c   147.031
_cell.angle_alpha   90.00
_cell.angle_beta   90.00
_cell.angle_gamma   90.00
#
_symmetry.space_group_name_H-M   'P 21 21 21'
#
loop_
_entity.id
_entity.type
_entity.pdbx_description
1 polymer Renin
2 non-polymer 2-acetamido-2-deoxy-beta-D-glucopyranose
3 non-polymer "methyl [(4S)-4-(3'-ethyl-6-fluoro[1,1'-biphenyl]-2-yl)-4-hydroxy-4-{(3R)-1-[4-(methylamino)butanoyl]piperidin-3-yl}butyl]carbamate"
4 water water
#
_entity_poly.entity_id   1
_entity_poly.type   'polypeptide(L)'
_entity_poly.pdbx_seq_one_letter_code
;GNTTSSVILTNYMDTQYYGEIGIGTPPQTFKVVFDTGSSNVWVPSSKCSRLYTACVYHKLFDASDSSSYKHNGTELTLRY
STGTVSGFLSQDIITVGGITVTQMFGEVTEMPALPFMLAEFDGVVGMGFIEQAIGRVTPIFDNIISQGVLKEDVFSFYYN
RDSENSQSLGGQIVLGGSDPQHYEGNFHYINLIKTGVWQIQMKGVSVGSSTLLCEDGCLALVDTGASYISGSTSSIEKLM
EALGAKKRLFDYVVKCNEGPTLPDISFHLGGKEYTLTSADYVFQESYSSKKLCTLAIHAMDIPPPTGPTWALGATFIRKF
YTEFDRRNNRIGFALAR
;
_entity_poly.pdbx_strand_id   A,B
#
loop_
_chem_comp.id
_chem_comp.type
_chem_comp.name
_chem_comp.formula
90D non-polymer 'methyl [(4S)-4-(3'-ethyl-6-fluoro[1,1'-biphenyl]-2-yl)-4-hydroxy-4-{(3R)-1-[4-(methylamino)butanoyl]piperidin-3-yl}butyl]carbamate' 'C30 H42 F N3 O4'
NAG D-saccharide, beta linking 2-acetamido-2-deoxy-beta-D-glucopyranose 'C8 H15 N O6'
#
# COMPACT_ATOMS: atom_id res chain seq x y z
N GLY A 1 -11.03 -3.38 -43.28
CA GLY A 1 -10.17 -4.51 -42.97
C GLY A 1 -10.96 -5.69 -42.42
N ASN A 2 -10.24 -6.76 -42.07
CA ASN A 2 -10.88 -7.93 -41.49
C ASN A 2 -10.08 -8.53 -40.34
N THR A 3 -9.12 -7.79 -39.79
CA THR A 3 -8.23 -8.33 -38.77
C THR A 3 -8.89 -8.29 -37.40
N THR A 4 -8.79 -9.40 -36.66
CA THR A 4 -9.18 -9.48 -35.26
C THR A 4 -8.04 -10.22 -34.56
N SER A 5 -7.03 -9.48 -34.12
CA SER A 5 -5.86 -10.05 -33.46
C SER A 5 -6.06 -10.10 -31.94
N SER A 6 -5.34 -11.02 -31.30
CA SER A 6 -5.50 -11.31 -29.88
C SER A 6 -4.15 -11.27 -29.17
N VAL A 7 -4.21 -11.03 -27.85
CA VAL A 7 -3.03 -10.98 -27.00
C VAL A 7 -3.25 -11.89 -25.80
N ILE A 8 -2.40 -12.89 -25.65
CA ILE A 8 -2.47 -13.76 -24.48
C ILE A 8 -2.09 -12.97 -23.23
N LEU A 9 -2.86 -13.15 -22.15
CA LEU A 9 -2.60 -12.48 -20.90
C LEU A 9 -2.20 -13.48 -19.82
N THR A 10 -1.32 -13.02 -18.94
CA THR A 10 -0.92 -13.80 -17.78
C THR A 10 -1.81 -13.41 -16.60
N ASN A 11 -2.14 -14.40 -15.78
CA ASN A 11 -2.95 -14.18 -14.59
C ASN A 11 -2.09 -14.45 -13.37
N TYR A 12 -1.67 -13.39 -12.69
CA TYR A 12 -0.96 -13.52 -11.42
C TYR A 12 -1.99 -13.40 -10.30
N MET A 13 -2.44 -14.55 -9.81
CA MET A 13 -3.16 -14.64 -8.54
C MET A 13 -4.46 -13.85 -8.55
N ASP A 14 -5.14 -13.84 -9.69
CA ASP A 14 -6.44 -13.22 -9.87
C ASP A 14 -6.45 -11.71 -9.61
N THR A 15 -5.27 -11.08 -9.48
CA THR A 15 -5.21 -9.65 -9.21
C THR A 15 -4.39 -8.85 -10.20
N GLN A 16 -3.63 -9.49 -11.09
CA GLN A 16 -2.83 -8.78 -12.09
C GLN A 16 -2.89 -9.55 -13.40
N TYR A 17 -3.50 -8.93 -14.41
CA TYR A 17 -3.62 -9.50 -15.74
C TYR A 17 -2.81 -8.64 -16.70
N TYR A 18 -1.81 -9.25 -17.35
CA TYR A 18 -0.93 -8.48 -18.21
C TYR A 18 -0.53 -9.29 -19.43
N GLY A 19 -0.24 -8.57 -20.52
CA GLY A 19 0.24 -9.18 -21.74
C GLY A 19 1.52 -8.50 -22.21
N GLU A 20 1.93 -8.76 -23.44
CA GLU A 20 3.20 -8.27 -23.97
C GLU A 20 2.98 -7.27 -25.09
N ILE A 21 3.83 -6.24 -25.13
CA ILE A 21 3.94 -5.34 -26.28
C ILE A 21 5.41 -5.18 -26.60
N GLY A 22 5.67 -4.74 -27.83
CA GLY A 22 7.03 -4.50 -28.27
C GLY A 22 7.20 -3.07 -28.72
N ILE A 23 8.26 -2.40 -28.27
CA ILE A 23 8.49 -0.99 -28.56
C ILE A 23 9.84 -0.86 -29.24
N GLY A 24 9.85 -0.30 -30.45
CA GLY A 24 11.07 0.11 -31.12
C GLY A 24 11.58 -0.89 -32.14
N THR A 25 12.67 -0.50 -32.78
CA THR A 25 13.35 -1.33 -33.79
C THR A 25 14.79 -1.58 -33.34
N PRO A 26 15.16 -2.81 -32.96
CA PRO A 26 14.30 -4.00 -32.87
C PRO A 26 13.38 -3.90 -31.65
N PRO A 27 12.36 -4.75 -31.53
CA PRO A 27 11.36 -4.56 -30.47
C PRO A 27 11.93 -4.83 -29.08
N GLN A 28 11.70 -3.89 -28.17
CA GLN A 28 11.94 -4.07 -26.74
C GLN A 28 10.63 -4.50 -26.07
N THR A 29 10.71 -5.47 -25.18
CA THR A 29 9.55 -6.22 -24.70
C THR A 29 9.14 -5.79 -23.30
N PHE A 30 7.85 -5.55 -23.11
CA PHE A 30 7.32 -5.15 -21.81
C PHE A 30 6.02 -5.89 -21.52
N LYS A 31 5.91 -6.41 -20.29
CA LYS A 31 4.64 -6.85 -19.74
C LYS A 31 3.84 -5.64 -19.29
N VAL A 32 2.64 -5.47 -19.84
CA VAL A 32 1.84 -4.29 -19.57
C VAL A 32 0.41 -4.68 -19.24
N VAL A 33 -0.24 -3.85 -18.42
CA VAL A 33 -1.66 -4.02 -18.09
C VAL A 33 -2.47 -3.19 -19.07
N PHE A 34 -3.52 -3.77 -19.64
CA PHE A 34 -4.43 -3.07 -20.54
C PHE A 34 -5.61 -2.54 -19.73
N ASP A 35 -5.69 -1.22 -19.60
CA ASP A 35 -6.52 -0.56 -18.60
C ASP A 35 -7.56 0.33 -19.29
N THR A 36 -8.83 -0.07 -19.20
CA THR A 36 -9.92 0.75 -19.74
C THR A 36 -10.19 2.00 -18.89
N GLY A 37 -9.60 2.11 -17.72
CA GLY A 37 -9.76 3.26 -16.87
C GLY A 37 -8.69 4.33 -16.99
N SER A 38 -7.72 4.17 -17.88
CA SER A 38 -6.76 5.22 -18.18
C SER A 38 -6.52 5.24 -19.68
N SER A 39 -5.85 6.30 -20.16
CA SER A 39 -5.77 6.53 -21.60
C SER A 39 -4.35 6.82 -22.09
N ASN A 40 -3.33 6.67 -21.25
CA ASN A 40 -1.95 6.86 -21.67
C ASN A 40 -1.20 5.53 -21.66
N VAL A 41 -0.20 5.42 -22.53
CA VAL A 41 0.74 4.30 -22.53
C VAL A 41 2.00 4.75 -21.80
N TRP A 42 2.49 3.92 -20.88
CA TRP A 42 3.78 4.24 -20.30
C TRP A 42 4.56 2.98 -19.95
N VAL A 43 5.89 3.09 -20.03
CA VAL A 43 6.82 2.04 -19.62
C VAL A 43 7.98 2.69 -18.88
N PRO A 44 8.66 1.93 -18.02
CA PRO A 44 9.81 2.49 -17.30
C PRO A 44 10.95 2.85 -18.25
N SER A 45 11.65 3.93 -17.92
CA SER A 45 12.68 4.48 -18.78
C SER A 45 14.08 4.12 -18.27
N SER A 46 15.01 3.95 -19.21
CA SER A 46 16.42 3.77 -18.84
C SER A 46 16.97 4.98 -18.10
N LYS A 47 16.42 6.17 -18.36
CA LYS A 47 16.84 7.38 -17.65
C LYS A 47 16.27 7.47 -16.24
N CYS A 48 15.53 6.45 -15.80
CA CYS A 48 15.03 6.42 -14.43
C CYS A 48 16.15 6.04 -13.47
N SER A 49 16.34 6.87 -12.45
CA SER A 49 17.41 6.62 -11.49
C SER A 49 17.21 5.28 -10.80
N ARG A 50 18.32 4.60 -10.52
CA ARG A 50 18.25 3.37 -9.74
C ARG A 50 17.92 3.61 -8.28
N LEU A 51 17.80 4.88 -7.86
CA LEU A 51 17.29 5.19 -6.54
C LEU A 51 15.86 4.67 -6.38
N TYR A 52 15.07 4.74 -7.45
CA TYR A 52 13.75 4.12 -7.49
C TYR A 52 13.92 2.63 -7.68
N THR A 53 13.57 1.86 -6.65
CA THR A 53 13.80 0.42 -6.69
C THR A 53 12.93 -0.26 -7.74
N ALA A 54 11.77 0.32 -8.07
CA ALA A 54 10.93 -0.26 -9.12
C ALA A 54 11.67 -0.30 -10.45
N CYS A 55 12.44 0.75 -10.74
CA CYS A 55 13.20 0.80 -12.00
C CYS A 55 14.35 -0.20 -12.00
N VAL A 56 14.78 -0.69 -10.84
CA VAL A 56 15.76 -1.77 -10.81
C VAL A 56 15.08 -3.11 -11.04
N TYR A 57 13.85 -3.28 -10.58
CA TYR A 57 13.17 -4.57 -10.67
C TYR A 57 12.46 -4.80 -11.99
N HIS A 58 12.17 -3.76 -12.76
CA HIS A 58 11.39 -3.91 -13.99
C HIS A 58 12.24 -3.61 -15.22
N LYS A 59 11.68 -3.92 -16.38
CA LYS A 59 12.36 -3.74 -17.66
C LYS A 59 12.27 -2.28 -18.12
N LEU A 60 13.39 -1.76 -18.60
CA LEU A 60 13.53 -0.35 -18.94
C LEU A 60 13.62 -0.16 -20.45
N PHE A 61 12.96 0.88 -20.95
CA PHE A 61 13.08 1.23 -22.35
C PHE A 61 14.33 2.06 -22.57
N ASP A 62 15.11 1.70 -23.58
CA ASP A 62 16.33 2.41 -23.95
C ASP A 62 16.11 3.05 -25.31
N ALA A 63 15.93 4.37 -25.34
CA ALA A 63 15.62 5.05 -26.60
C ALA A 63 16.77 4.92 -27.59
N SER A 64 18.02 4.99 -27.12
CA SER A 64 19.17 4.97 -28.01
C SER A 64 19.38 3.63 -28.67
N ASP A 65 18.65 2.60 -28.28
CA ASP A 65 18.74 1.28 -28.91
C ASP A 65 17.69 1.06 -29.99
N SER A 66 16.93 2.10 -30.35
CA SER A 66 15.83 1.95 -31.28
C SER A 66 16.02 2.90 -32.46
N SER A 67 16.04 2.36 -33.67
CA SER A 67 16.18 3.20 -34.85
C SER A 67 14.89 3.95 -35.16
N SER A 68 13.74 3.37 -34.82
CA SER A 68 12.47 4.03 -35.07
C SER A 68 12.09 5.02 -33.96
N TYR A 69 12.90 5.16 -32.93
CA TYR A 69 12.62 6.12 -31.87
C TYR A 69 12.67 7.54 -32.41
N LYS A 70 11.79 8.39 -31.87
CA LYS A 70 11.71 9.80 -32.27
C LYS A 70 11.47 10.63 -31.03
N HIS A 71 12.39 11.55 -30.74
CA HIS A 71 12.40 12.26 -29.47
C HIS A 71 11.27 13.27 -29.35
N ASN A 72 10.61 13.36 -28.19
CA ASN A 72 9.78 14.54 -27.93
C ASN A 72 10.23 15.26 -26.67
N GLY A 73 10.29 14.59 -25.50
CA GLY A 73 10.86 15.18 -24.32
C GLY A 73 9.90 15.98 -23.45
N THR A 74 8.67 16.23 -23.90
CA THR A 74 7.72 16.98 -23.09
C THR A 74 7.35 16.21 -21.82
N GLU A 75 7.33 16.90 -20.70
CA GLU A 75 7.12 16.27 -19.41
C GLU A 75 5.69 15.76 -19.28
N LEU A 76 5.54 14.66 -18.55
CA LEU A 76 4.26 13.99 -18.37
C LEU A 76 4.15 13.49 -16.94
N THR A 77 3.00 13.75 -16.32
CA THR A 77 2.71 13.23 -15.00
C THR A 77 1.34 12.58 -15.03
N LEU A 78 1.24 11.37 -14.49
CA LEU A 78 0.00 10.59 -14.50
C LEU A 78 -0.50 10.41 -13.07
N ARG A 79 -1.75 10.81 -12.85
CA ARG A 79 -2.40 10.73 -11.54
C ARG A 79 -3.22 9.45 -11.45
N TYR A 80 -3.01 8.69 -10.39
CA TYR A 80 -3.82 7.51 -10.10
C TYR A 80 -4.40 7.64 -8.69
N SER A 81 -5.26 6.70 -8.34
CA SER A 81 -5.77 6.63 -6.98
C SER A 81 -4.63 6.45 -5.98
N THR A 82 -3.66 5.60 -6.32
CA THR A 82 -2.56 5.32 -5.40
C THR A 82 -1.52 6.42 -5.39
N GLY A 83 -1.39 7.17 -6.47
CA GLY A 83 -0.31 8.14 -6.56
C GLY A 83 0.04 8.58 -7.96
N THR A 84 1.33 8.54 -8.30
CA THR A 84 1.81 9.29 -9.44
C THR A 84 3.06 8.66 -10.04
N VAL A 85 3.07 8.51 -11.36
CA VAL A 85 4.30 8.32 -12.11
C VAL A 85 4.57 9.59 -12.89
N SER A 86 5.84 9.80 -13.22
CA SER A 86 6.25 10.99 -13.94
C SER A 86 7.34 10.63 -14.94
N GLY A 87 7.46 11.49 -15.95
CA GLY A 87 8.48 11.27 -16.97
C GLY A 87 8.26 12.19 -18.14
N PHE A 88 8.69 11.73 -19.31
CA PHE A 88 8.61 12.53 -20.52
C PHE A 88 8.01 11.71 -21.64
N LEU A 89 7.50 12.43 -22.65
CA LEU A 89 6.91 11.79 -23.81
C LEU A 89 7.98 11.35 -24.79
N SER A 90 7.71 10.23 -25.45
CA SER A 90 8.57 9.69 -26.48
C SER A 90 7.68 9.07 -27.53
N GLN A 91 8.23 8.87 -28.72
CA GLN A 91 7.48 8.25 -29.80
C GLN A 91 8.31 7.13 -30.42
N ASP A 92 7.66 6.00 -30.67
CA ASP A 92 8.31 4.87 -31.30
C ASP A 92 7.23 3.94 -31.82
N ILE A 93 7.64 2.95 -32.60
CA ILE A 93 6.72 1.94 -33.11
C ILE A 93 6.40 0.97 -31.98
N ILE A 94 5.12 0.70 -31.77
CA ILE A 94 4.66 -0.22 -30.75
C ILE A 94 3.87 -1.32 -31.43
N THR A 95 4.23 -2.57 -31.12
CA THR A 95 3.56 -3.74 -31.65
C THR A 95 2.71 -4.36 -30.54
N VAL A 96 1.45 -4.65 -30.85
CA VAL A 96 0.56 -5.34 -29.92
C VAL A 96 -0.25 -6.35 -30.71
N GLY A 97 -0.06 -7.63 -30.41
CA GLY A 97 -0.63 -8.66 -31.29
C GLY A 97 0.03 -8.57 -32.64
N GLY A 98 -0.78 -8.65 -33.69
CA GLY A 98 -0.26 -8.51 -35.04
C GLY A 98 -0.28 -7.10 -35.58
N ILE A 99 -0.62 -6.13 -34.74
CA ILE A 99 -0.82 -4.75 -35.16
C ILE A 99 0.38 -3.93 -34.70
N THR A 100 0.91 -3.11 -35.59
CA THR A 100 1.99 -2.18 -35.27
C THR A 100 1.49 -0.77 -35.49
N VAL A 101 1.85 0.14 -34.57
CA VAL A 101 1.44 1.53 -34.66
C VAL A 101 2.57 2.40 -34.17
N THR A 102 2.70 3.58 -34.79
CA THR A 102 3.55 4.61 -34.22
C THR A 102 2.75 5.29 -33.11
N GLN A 103 3.32 5.28 -31.90
CA GLN A 103 2.62 5.71 -30.71
C GLN A 103 3.46 6.68 -29.90
N MET A 104 2.80 7.70 -29.35
CA MET A 104 3.41 8.57 -28.35
C MET A 104 3.08 8.00 -26.97
N PHE A 105 4.12 7.72 -26.18
CA PHE A 105 3.96 7.07 -24.89
C PHE A 105 4.86 7.77 -23.88
N GLY A 106 4.60 7.53 -22.60
CA GLY A 106 5.42 8.10 -21.56
C GLY A 106 6.60 7.20 -21.21
N GLU A 107 7.78 7.79 -21.18
CA GLU A 107 8.97 7.14 -20.62
C GLU A 107 9.08 7.61 -19.17
N VAL A 108 8.86 6.69 -18.23
CA VAL A 108 8.62 7.05 -16.84
C VAL A 108 9.95 7.02 -16.07
N THR A 109 10.24 8.12 -15.37
CA THR A 109 11.48 8.25 -14.61
C THR A 109 11.26 8.31 -13.11
N GLU A 110 10.01 8.30 -12.64
CA GLU A 110 9.70 8.28 -11.21
C GLU A 110 8.62 7.24 -10.99
N MET A 111 9.02 6.07 -10.51
CA MET A 111 8.12 4.99 -10.12
C MET A 111 8.22 4.78 -8.61
N PRO A 112 7.20 5.16 -7.84
CA PRO A 112 7.26 4.94 -6.39
C PRO A 112 7.15 3.47 -6.04
N ALA A 113 7.78 3.08 -4.92
CA ALA A 113 7.79 1.68 -4.50
C ALA A 113 6.38 1.20 -4.17
N LEU A 114 5.62 2.00 -3.43
CA LEU A 114 4.20 1.75 -3.27
C LEU A 114 3.49 2.50 -4.40
N PRO A 115 2.89 1.81 -5.38
CA PRO A 115 2.68 0.36 -5.40
C PRO A 115 3.54 -0.46 -6.35
N PHE A 116 4.37 0.19 -7.19
CA PHE A 116 4.94 -0.52 -8.32
C PHE A 116 6.00 -1.55 -7.95
N MET A 117 6.49 -1.56 -6.71
CA MET A 117 7.36 -2.65 -6.29
C MET A 117 6.60 -3.96 -6.06
N LEU A 118 5.27 -3.94 -6.18
CA LEU A 118 4.43 -5.12 -6.13
C LEU A 118 3.84 -5.46 -7.48
N ALA A 119 4.29 -4.81 -8.55
CA ALA A 119 3.75 -5.04 -9.88
C ALA A 119 4.55 -6.13 -10.57
N GLU A 120 3.87 -7.19 -11.00
CA GLU A 120 4.49 -8.16 -11.87
C GLU A 120 4.58 -7.67 -13.31
N PHE A 121 4.01 -6.52 -13.60
CA PHE A 121 4.04 -5.91 -14.91
C PHE A 121 5.01 -4.74 -14.91
N ASP A 122 5.31 -4.25 -16.11
CA ASP A 122 6.25 -3.15 -16.30
C ASP A 122 5.55 -1.82 -16.46
N GLY A 123 4.56 -1.75 -17.35
CA GLY A 123 3.86 -0.51 -17.62
C GLY A 123 2.41 -0.72 -17.93
N VAL A 124 1.77 0.31 -18.46
CA VAL A 124 0.32 0.32 -18.68
C VAL A 124 0.04 0.78 -20.11
N VAL A 125 -0.93 0.12 -20.74
CA VAL A 125 -1.46 0.53 -22.02
C VAL A 125 -2.87 1.01 -21.77
N GLY A 126 -3.08 2.33 -21.84
CA GLY A 126 -4.39 2.88 -21.56
C GLY A 126 -5.36 2.64 -22.72
N MET A 127 -6.54 2.12 -22.40
CA MET A 127 -7.56 1.81 -23.40
C MET A 127 -8.76 2.75 -23.31
N GLY A 128 -8.66 3.84 -22.57
CA GLY A 128 -9.72 4.83 -22.49
C GLY A 128 -9.71 5.76 -23.69
N PHE A 129 -10.48 6.84 -23.56
CA PHE A 129 -10.67 7.80 -24.63
C PHE A 129 -9.68 8.95 -24.50
N ILE A 130 -9.49 9.68 -25.61
CA ILE A 130 -8.58 10.83 -25.60
C ILE A 130 -9.04 11.90 -24.64
N GLU A 131 -10.32 11.93 -24.27
CA GLU A 131 -10.82 12.93 -23.34
C GLU A 131 -10.13 12.83 -21.99
N GLN A 132 -9.64 11.65 -21.62
CA GLN A 132 -8.98 11.44 -20.35
C GLN A 132 -7.46 11.39 -20.46
N ALA A 133 -6.91 11.55 -21.67
CA ALA A 133 -5.48 11.38 -21.88
C ALA A 133 -4.73 12.62 -21.44
N ILE A 134 -3.76 12.44 -20.54
CA ILE A 134 -2.91 13.53 -20.11
C ILE A 134 -2.06 13.98 -21.29
N GLY A 135 -1.92 15.30 -21.45
CA GLY A 135 -1.28 15.83 -22.63
C GLY A 135 -2.11 15.75 -23.89
N ARG A 136 -3.35 15.26 -23.78
CA ARG A 136 -4.23 15.03 -24.94
C ARG A 136 -3.56 14.13 -25.99
N VAL A 137 -2.61 13.31 -25.55
CA VAL A 137 -1.94 12.38 -26.44
C VAL A 137 -2.95 11.41 -27.03
N THR A 138 -2.79 11.08 -28.30
CA THR A 138 -3.69 10.15 -28.97
C THR A 138 -3.54 8.75 -28.40
N PRO A 139 -4.60 8.17 -27.84
CA PRO A 139 -4.49 6.81 -27.28
C PRO A 139 -4.23 5.77 -28.36
N ILE A 140 -3.79 4.59 -27.91
CA ILE A 140 -3.27 3.59 -28.84
C ILE A 140 -4.38 2.96 -29.67
N PHE A 141 -5.58 2.80 -29.10
CA PHE A 141 -6.66 2.25 -29.92
C PHE A 141 -7.16 3.26 -30.94
N ASP A 142 -7.00 4.55 -30.67
CA ASP A 142 -7.32 5.57 -31.67
C ASP A 142 -6.46 5.41 -32.91
N ASN A 143 -5.14 5.29 -32.72
CA ASN A 143 -4.22 5.09 -33.84
C ASN A 143 -4.48 3.76 -34.54
N ILE A 144 -4.89 2.73 -33.79
CA ILE A 144 -5.19 1.44 -34.41
C ILE A 144 -6.44 1.55 -35.27
N ILE A 145 -7.47 2.25 -34.76
CA ILE A 145 -8.65 2.50 -35.58
C ILE A 145 -8.26 3.28 -36.84
N SER A 146 -7.30 4.20 -36.71
CA SER A 146 -6.87 5.01 -37.84
C SER A 146 -6.27 4.17 -38.96
N GLN A 147 -5.83 2.96 -38.66
CA GLN A 147 -5.18 2.14 -39.67
C GLN A 147 -6.16 1.37 -40.54
N GLY A 148 -7.45 1.44 -40.26
CA GLY A 148 -8.43 0.74 -41.08
C GLY A 148 -8.18 -0.74 -41.21
N VAL A 149 -7.62 -1.38 -40.18
CA VAL A 149 -7.30 -2.79 -40.23
C VAL A 149 -8.27 -3.64 -39.41
N LEU A 150 -8.85 -3.11 -38.34
CA LEU A 150 -9.73 -3.91 -37.51
C LEU A 150 -11.00 -4.27 -38.26
N LYS A 151 -11.47 -5.51 -38.07
CA LYS A 151 -12.75 -5.90 -38.63
C LYS A 151 -13.87 -5.01 -38.08
N GLU A 152 -13.85 -4.74 -36.77
CA GLU A 152 -14.79 -3.82 -36.16
C GLU A 152 -14.05 -2.96 -35.13
N ASP A 153 -14.51 -1.72 -34.97
CA ASP A 153 -13.87 -0.79 -34.03
C ASP A 153 -14.28 -1.12 -32.60
N VAL A 154 -13.88 -2.31 -32.16
CA VAL A 154 -14.17 -2.80 -30.82
C VAL A 154 -12.94 -3.54 -30.31
N PHE A 155 -12.89 -3.75 -29.00
CA PHE A 155 -11.95 -4.67 -28.39
C PHE A 155 -12.63 -5.31 -27.18
N SER A 156 -12.16 -6.48 -26.79
CA SER A 156 -12.86 -7.24 -25.76
C SER A 156 -11.87 -7.93 -24.84
N PHE A 157 -12.36 -8.28 -23.64
CA PHE A 157 -11.54 -8.78 -22.56
C PHE A 157 -12.06 -10.11 -22.06
N TYR A 158 -11.13 -11.00 -21.70
CA TYR A 158 -11.46 -12.25 -21.01
C TYR A 158 -10.45 -12.44 -19.90
N TYR A 159 -10.92 -12.52 -18.67
CA TYR A 159 -10.08 -12.79 -17.51
C TYR A 159 -10.48 -14.14 -16.94
N ASN A 160 -9.55 -15.09 -16.97
CA ASN A 160 -9.80 -16.42 -16.43
C ASN A 160 -9.57 -16.44 -14.93
N ARG A 161 -10.08 -17.49 -14.28
CA ARG A 161 -9.80 -17.71 -12.86
C ARG A 161 -8.46 -18.38 -12.71
N ASP A 162 -7.71 -17.98 -11.69
CA ASP A 162 -6.35 -18.49 -11.53
C ASP A 162 -6.36 -19.99 -11.25
N SER A 163 -5.52 -20.71 -11.98
CA SER A 163 -5.38 -22.16 -11.84
C SER A 163 -3.96 -22.47 -11.37
N GLU A 164 -3.86 -23.23 -10.28
CA GLU A 164 -2.58 -23.65 -9.73
C GLU A 164 -2.27 -25.06 -10.22
N ASN A 165 -1.03 -25.27 -10.66
CA ASN A 165 -0.54 -26.52 -11.24
C ASN A 165 -1.23 -26.86 -12.56
N SER A 166 -1.84 -25.89 -13.22
CA SER A 166 -2.39 -26.06 -14.55
C SER A 166 -1.89 -24.94 -15.45
N GLN A 167 -1.83 -25.23 -16.76
CA GLN A 167 -1.42 -24.25 -17.76
C GLN A 167 -2.62 -23.56 -18.41
N SER A 168 -3.75 -23.46 -17.69
CA SER A 168 -4.94 -22.81 -18.22
C SER A 168 -4.62 -21.40 -18.69
N LEU A 169 -5.29 -20.99 -19.77
CA LEU A 169 -5.10 -19.65 -20.31
C LEU A 169 -5.45 -18.59 -19.28
N GLY A 170 -4.49 -17.70 -18.98
CA GLY A 170 -4.71 -16.73 -17.92
C GLY A 170 -5.73 -15.68 -18.30
N GLY A 171 -5.61 -15.13 -19.50
CA GLY A 171 -6.57 -14.15 -20.01
C GLY A 171 -6.33 -13.94 -21.48
N GLN A 172 -7.23 -13.17 -22.09
CA GLN A 172 -7.03 -12.81 -23.50
C GLN A 172 -7.85 -11.57 -23.84
N ILE A 173 -7.19 -10.61 -24.49
CA ILE A 173 -7.85 -9.46 -25.08
C ILE A 173 -7.86 -9.65 -26.58
N VAL A 174 -8.93 -9.22 -27.23
CA VAL A 174 -9.07 -9.27 -28.68
C VAL A 174 -9.23 -7.85 -29.22
N LEU A 175 -8.40 -7.50 -30.19
CA LEU A 175 -8.49 -6.21 -30.88
C LEU A 175 -9.24 -6.43 -32.19
N GLY A 176 -10.41 -5.81 -32.32
CA GLY A 176 -11.20 -5.89 -33.53
C GLY A 176 -12.48 -6.69 -33.39
N GLY A 177 -12.60 -7.51 -32.35
CA GLY A 177 -13.81 -8.28 -32.14
C GLY A 177 -13.83 -9.04 -30.83
N SER A 178 -14.53 -10.17 -30.81
CA SER A 178 -14.69 -10.99 -29.62
C SER A 178 -14.47 -12.45 -29.96
N ASP A 179 -14.08 -13.22 -28.96
CA ASP A 179 -13.79 -14.64 -29.16
C ASP A 179 -14.96 -15.47 -28.64
N PRO A 180 -15.76 -16.08 -29.51
CA PRO A 180 -16.90 -16.88 -29.04
C PRO A 180 -16.48 -18.12 -28.25
N GLN A 181 -15.23 -18.54 -28.33
CA GLN A 181 -14.80 -19.67 -27.51
C GLN A 181 -14.78 -19.33 -26.03
N HIS A 182 -14.94 -18.05 -25.68
CA HIS A 182 -14.85 -17.63 -24.29
C HIS A 182 -16.09 -16.90 -23.78
N TYR A 183 -17.20 -16.95 -24.52
CA TYR A 183 -18.46 -16.47 -23.99
C TYR A 183 -19.59 -17.29 -24.58
N GLU A 184 -20.61 -17.54 -23.77
CA GLU A 184 -21.78 -18.28 -24.21
C GLU A 184 -22.97 -17.34 -24.32
N GLY A 185 -23.86 -17.64 -25.25
CA GLY A 185 -24.97 -16.77 -25.52
C GLY A 185 -24.54 -15.52 -26.27
N ASN A 186 -25.44 -14.55 -26.28
CA ASN A 186 -25.24 -13.30 -27.01
C ASN A 186 -24.93 -12.17 -26.05
N PHE A 187 -24.30 -11.13 -26.60
CA PHE A 187 -23.97 -9.95 -25.82
C PHE A 187 -25.21 -9.15 -25.49
N HIS A 188 -25.28 -8.65 -24.26
CA HIS A 188 -26.25 -7.66 -23.85
C HIS A 188 -25.55 -6.31 -23.79
N TYR A 189 -25.98 -5.37 -24.62
CA TYR A 189 -25.24 -4.12 -24.82
C TYR A 189 -25.85 -2.99 -23.99
N ILE A 190 -24.98 -2.17 -23.41
CA ILE A 190 -25.39 -1.04 -22.57
C ILE A 190 -24.64 0.20 -23.02
N ASN A 191 -25.37 1.27 -23.32
CA ASN A 191 -24.76 2.47 -23.87
C ASN A 191 -24.00 3.24 -22.80
N LEU A 192 -22.92 3.89 -23.23
CA LEU A 192 -22.22 4.81 -22.37
C LEU A 192 -23.09 6.00 -22.03
N ILE A 193 -22.92 6.52 -20.81
CA ILE A 193 -23.55 7.79 -20.47
C ILE A 193 -23.02 8.89 -21.36
N LYS A 194 -21.70 8.94 -21.53
CA LYS A 194 -21.09 9.93 -22.38
C LYS A 194 -19.83 9.32 -23.01
N THR A 195 -19.54 9.74 -24.24
CA THR A 195 -18.26 9.39 -24.84
C THR A 195 -17.15 10.00 -23.98
N GLY A 196 -16.01 9.32 -23.95
CA GLY A 196 -14.87 9.80 -23.20
C GLY A 196 -14.58 9.04 -21.94
N VAL A 197 -15.44 8.07 -21.57
CA VAL A 197 -15.19 7.24 -20.39
C VAL A 197 -16.01 5.97 -20.50
N TRP A 198 -15.38 4.82 -20.26
CA TRP A 198 -16.06 3.52 -20.34
C TRP A 198 -16.92 3.32 -19.10
N GLN A 199 -17.99 4.10 -19.04
CA GLN A 199 -18.82 4.19 -17.85
C GLN A 199 -20.29 4.16 -18.26
N ILE A 200 -21.08 3.38 -17.51
CA ILE A 200 -22.48 3.16 -17.84
C ILE A 200 -23.35 3.45 -16.62
N GLN A 201 -24.65 3.59 -16.88
CA GLN A 201 -25.64 3.74 -15.82
C GLN A 201 -25.86 2.43 -15.09
N MET A 202 -25.99 2.51 -13.76
CA MET A 202 -26.32 1.36 -12.94
C MET A 202 -27.57 1.69 -12.14
N LYS A 203 -28.46 0.70 -11.98
CA LYS A 203 -29.79 0.95 -11.43
C LYS A 203 -30.01 0.41 -10.03
N GLY A 204 -29.07 -0.36 -9.48
CA GLY A 204 -29.22 -0.87 -8.13
C GLY A 204 -28.22 -1.95 -7.81
N VAL A 205 -27.89 -2.11 -6.53
CA VAL A 205 -26.95 -3.14 -6.08
C VAL A 205 -27.61 -3.91 -4.96
N SER A 206 -27.77 -5.22 -5.13
CA SER A 206 -28.54 -6.07 -4.23
C SER A 206 -27.64 -7.01 -3.45
N VAL A 207 -27.86 -7.10 -2.15
CA VAL A 207 -27.29 -8.16 -1.33
C VAL A 207 -28.40 -9.20 -1.18
N GLY A 208 -28.36 -10.22 -2.04
CA GLY A 208 -29.40 -11.22 -2.07
C GLY A 208 -30.76 -10.66 -2.47
N SER A 209 -31.68 -10.62 -1.51
CA SER A 209 -33.05 -10.23 -1.80
C SER A 209 -33.21 -8.72 -1.89
N SER A 210 -32.75 -7.99 -0.88
CA SER A 210 -32.99 -6.55 -0.80
C SER A 210 -32.02 -5.77 -1.66
N THR A 211 -32.53 -4.72 -2.31
CA THR A 211 -31.71 -3.76 -3.06
C THR A 211 -31.12 -2.79 -2.05
N LEU A 212 -29.96 -3.16 -1.50
CA LEU A 212 -29.40 -2.41 -0.38
C LEU A 212 -28.85 -1.06 -0.80
N LEU A 213 -28.32 -0.95 -2.01
CA LEU A 213 -27.55 0.21 -2.43
C LEU A 213 -28.07 0.76 -3.75
N CYS A 214 -27.71 2.01 -4.03
CA CYS A 214 -27.79 2.58 -5.39
C CYS A 214 -29.21 2.42 -5.97
N GLU A 215 -30.21 2.70 -5.14
CA GLU A 215 -31.59 2.46 -5.53
C GLU A 215 -32.07 3.44 -6.59
N ASP A 216 -31.59 4.69 -6.54
CA ASP A 216 -31.95 5.70 -7.51
C ASP A 216 -30.89 5.86 -8.59
N GLY A 217 -29.97 4.90 -8.70
CA GLY A 217 -29.00 4.92 -9.77
C GLY A 217 -27.66 5.49 -9.37
N CYS A 218 -26.59 4.87 -9.86
CA CYS A 218 -25.24 5.36 -9.65
C CYS A 218 -24.47 5.14 -10.94
N LEU A 219 -23.15 5.32 -10.87
CA LEU A 219 -22.27 5.15 -12.02
C LEU A 219 -21.45 3.87 -11.88
N ALA A 220 -21.08 3.29 -13.02
CA ALA A 220 -20.27 2.08 -13.04
C ALA A 220 -19.19 2.23 -14.11
N LEU A 221 -17.96 2.43 -13.65
CA LEU A 221 -16.80 2.37 -14.54
C LEU A 221 -16.42 0.91 -14.75
N VAL A 222 -16.32 0.49 -16.01
CA VAL A 222 -15.88 -0.86 -16.33
C VAL A 222 -14.38 -0.79 -16.59
N ASP A 223 -13.60 -1.22 -15.60
CA ASP A 223 -12.19 -0.85 -15.40
C ASP A 223 -11.33 -2.11 -15.46
N THR A 224 -10.73 -2.37 -16.62
CA THR A 224 -9.95 -3.59 -16.77
C THR A 224 -8.64 -3.56 -15.99
N GLY A 225 -8.26 -2.41 -15.46
CA GLY A 225 -7.09 -2.32 -14.62
C GLY A 225 -7.37 -2.38 -13.14
N ALA A 226 -8.64 -2.52 -12.75
CA ALA A 226 -9.03 -2.67 -11.36
C ALA A 226 -9.05 -4.15 -10.98
N SER A 227 -8.33 -4.51 -9.92
CA SER A 227 -8.29 -5.91 -9.50
C SER A 227 -9.59 -6.31 -8.82
N TYR A 228 -10.09 -5.49 -7.90
CA TYR A 228 -11.34 -5.72 -7.21
C TYR A 228 -12.45 -4.86 -7.82
N ILE A 229 -13.69 -5.25 -7.53
CA ILE A 229 -14.80 -4.31 -7.62
C ILE A 229 -14.62 -3.26 -6.54
N SER A 230 -14.90 -2.00 -6.87
CA SER A 230 -14.86 -0.95 -5.86
C SER A 230 -16.12 -0.10 -5.92
N GLY A 231 -16.47 0.46 -4.76
CA GLY A 231 -17.51 1.47 -4.66
C GLY A 231 -17.07 2.55 -3.70
N SER A 232 -17.91 3.58 -3.59
CA SER A 232 -17.69 4.63 -2.62
C SER A 232 -17.58 4.04 -1.21
N THR A 233 -16.90 4.77 -0.33
CA THR A 233 -16.78 4.33 1.05
C THR A 233 -18.14 4.14 1.69
N SER A 234 -19.06 5.07 1.45
CA SER A 234 -20.41 4.96 2.01
C SER A 234 -21.07 3.67 1.57
N SER A 235 -21.12 3.41 0.26
CA SER A 235 -21.75 2.20 -0.26
C SER A 235 -21.10 0.95 0.32
N ILE A 236 -19.76 0.89 0.25
CA ILE A 236 -19.05 -0.33 0.65
C ILE A 236 -19.22 -0.60 2.13
N GLU A 237 -19.20 0.46 2.96
CA GLU A 237 -19.44 0.27 4.39
C GLU A 237 -20.79 -0.41 4.63
N LYS A 238 -21.82 0.04 3.90
CA LYS A 238 -23.13 -0.57 4.03
C LYS A 238 -23.16 -1.98 3.44
N LEU A 239 -22.43 -2.20 2.35
CA LEU A 239 -22.41 -3.52 1.73
C LEU A 239 -21.75 -4.55 2.65
N MET A 240 -20.66 -4.15 3.30
CA MET A 240 -19.90 -5.07 4.15
C MET A 240 -20.63 -5.36 5.45
N GLU A 241 -21.35 -4.37 5.99
CA GLU A 241 -22.18 -4.63 7.16
C GLU A 241 -23.24 -5.68 6.85
N ALA A 242 -23.88 -5.57 5.68
CA ALA A 242 -24.88 -6.55 5.28
C ALA A 242 -24.26 -7.93 5.12
N LEU A 243 -23.01 -7.99 4.60
CA LEU A 243 -22.31 -9.26 4.48
C LEU A 243 -21.72 -9.74 5.80
N GLY A 244 -21.71 -8.90 6.83
CA GLY A 244 -21.10 -9.29 8.08
C GLY A 244 -19.60 -9.41 8.02
N ALA A 245 -18.95 -8.61 7.18
CA ALA A 245 -17.51 -8.69 6.96
C ALA A 245 -16.79 -7.67 7.84
N LYS A 246 -15.62 -8.06 8.33
CA LYS A 246 -14.79 -7.18 9.14
C LYS A 246 -13.71 -6.54 8.28
N LYS A 247 -13.29 -5.35 8.68
CA LYS A 247 -12.27 -4.61 7.95
C LYS A 247 -10.95 -4.66 8.70
N ARG A 248 -9.88 -4.91 7.97
CA ARG A 248 -8.53 -4.81 8.48
C ARG A 248 -7.86 -3.61 7.81
N LEU A 249 -6.55 -3.46 8.05
CA LEU A 249 -5.83 -2.34 7.46
C LEU A 249 -5.99 -2.31 5.94
N PHE A 250 -5.79 -3.45 5.29
CA PHE A 250 -5.87 -3.52 3.82
C PHE A 250 -7.26 -3.92 3.33
N ASP A 251 -7.73 -5.10 3.73
CA ASP A 251 -8.83 -5.77 3.06
C ASP A 251 -10.08 -5.83 3.92
N TYR A 252 -11.15 -6.31 3.31
CA TYR A 252 -12.34 -6.77 4.02
C TYR A 252 -12.31 -8.29 4.09
N VAL A 253 -12.53 -8.83 5.29
CA VAL A 253 -12.41 -10.27 5.54
C VAL A 253 -13.69 -10.84 6.11
N VAL A 254 -13.89 -12.14 5.89
CA VAL A 254 -14.82 -12.97 6.64
C VAL A 254 -14.07 -14.22 7.06
N LYS A 255 -14.61 -14.91 8.05
CA LYS A 255 -14.06 -16.21 8.39
C LYS A 255 -14.23 -17.16 7.21
N CYS A 256 -13.17 -17.89 6.89
CA CYS A 256 -13.16 -18.70 5.68
C CYS A 256 -14.26 -19.74 5.66
N ASN A 257 -14.63 -20.28 6.83
CA ASN A 257 -15.71 -21.25 6.86
C ASN A 257 -17.05 -20.62 6.48
N GLU A 258 -17.21 -19.33 6.73
CA GLU A 258 -18.47 -18.64 6.48
C GLU A 258 -18.59 -18.07 5.08
N GLY A 259 -17.54 -18.18 4.27
CA GLY A 259 -17.52 -17.62 2.94
C GLY A 259 -18.63 -18.09 2.02
N PRO A 260 -18.75 -19.40 1.82
CA PRO A 260 -19.76 -19.91 0.87
C PRO A 260 -21.20 -19.63 1.31
N THR A 261 -21.44 -19.36 2.59
CA THR A 261 -22.77 -19.02 3.06
C THR A 261 -23.13 -17.57 2.81
N LEU A 262 -22.20 -16.77 2.28
CA LEU A 262 -22.47 -15.36 2.07
C LEU A 262 -23.43 -15.16 0.91
N PRO A 263 -24.35 -14.19 1.02
CA PRO A 263 -25.36 -14.02 -0.03
C PRO A 263 -24.75 -13.51 -1.32
N ASP A 264 -25.50 -13.71 -2.40
CA ASP A 264 -25.09 -13.20 -3.69
C ASP A 264 -25.08 -11.68 -3.69
N ILE A 265 -24.32 -11.12 -4.63
CA ILE A 265 -24.30 -9.69 -4.89
C ILE A 265 -24.66 -9.50 -6.36
N SER A 266 -25.70 -8.70 -6.61
CA SER A 266 -26.22 -8.51 -7.95
C SER A 266 -26.11 -7.05 -8.35
N PHE A 267 -25.60 -6.80 -9.55
CA PHE A 267 -25.51 -5.47 -10.10
C PHE A 267 -26.53 -5.34 -11.21
N HIS A 268 -27.38 -4.32 -11.13
CA HIS A 268 -28.49 -4.14 -12.05
C HIS A 268 -28.04 -3.19 -13.16
N LEU A 269 -27.70 -3.77 -14.30
CA LEU A 269 -27.20 -3.03 -15.46
C LEU A 269 -28.08 -3.32 -16.65
N GLY A 270 -28.51 -2.28 -17.35
CA GLY A 270 -29.32 -2.44 -18.55
C GLY A 270 -30.56 -3.27 -18.34
N GLY A 271 -31.21 -3.12 -17.20
CA GLY A 271 -32.40 -3.88 -16.91
C GLY A 271 -32.18 -5.36 -16.67
N LYS A 272 -30.93 -5.81 -16.56
CA LYS A 272 -30.63 -7.20 -16.27
C LYS A 272 -29.85 -7.30 -14.96
N GLU A 273 -29.98 -8.45 -14.31
CA GLU A 273 -29.39 -8.70 -13.01
C GLU A 273 -28.07 -9.44 -13.22
N TYR A 274 -26.94 -8.79 -12.92
CA TYR A 274 -25.62 -9.42 -13.04
C TYR A 274 -25.16 -9.84 -11.66
N THR A 275 -25.24 -11.15 -11.40
CA THR A 275 -25.09 -11.70 -10.06
C THR A 275 -23.70 -12.31 -9.88
N LEU A 276 -23.10 -12.04 -8.72
CA LEU A 276 -21.86 -12.68 -8.30
C LEU A 276 -22.10 -13.38 -6.98
N THR A 277 -21.95 -14.71 -6.97
CA THR A 277 -22.06 -15.48 -5.75
C THR A 277 -20.78 -15.39 -4.93
N SER A 278 -20.87 -15.83 -3.68
CA SER A 278 -19.70 -15.78 -2.80
C SER A 278 -18.52 -16.54 -3.40
N ALA A 279 -18.80 -17.55 -4.23
CA ALA A 279 -17.72 -18.24 -4.91
C ALA A 279 -17.04 -17.37 -5.95
N ASP A 280 -17.66 -16.25 -6.33
CA ASP A 280 -17.09 -15.33 -7.30
C ASP A 280 -16.26 -14.22 -6.66
N TYR A 281 -16.62 -13.79 -5.45
CA TYR A 281 -16.04 -12.58 -4.88
C TYR A 281 -15.22 -12.80 -3.60
N VAL A 282 -14.99 -14.04 -3.19
CA VAL A 282 -14.22 -14.35 -1.98
C VAL A 282 -13.00 -15.17 -2.36
N PHE A 283 -11.83 -14.73 -1.89
CA PHE A 283 -10.59 -15.50 -2.05
C PHE A 283 -10.62 -16.65 -1.05
N GLN A 284 -11.02 -17.82 -1.51
CA GLN A 284 -11.31 -18.93 -0.62
C GLN A 284 -10.08 -19.83 -0.49
N GLU A 285 -9.09 -19.33 0.24
CA GLU A 285 -7.84 -20.06 0.40
C GLU A 285 -8.01 -21.29 1.31
N SER A 286 -8.88 -21.19 2.30
CA SER A 286 -9.15 -22.29 3.21
C SER A 286 -10.64 -22.25 3.56
N TYR A 287 -11.09 -23.22 4.35
CA TYR A 287 -12.43 -23.19 4.91
C TYR A 287 -12.39 -23.26 6.44
N SER A 288 -11.27 -22.85 7.04
CA SER A 288 -11.09 -22.94 8.47
C SER A 288 -11.80 -21.81 9.18
N SER A 289 -12.52 -22.15 10.27
CA SER A 289 -13.18 -21.14 11.08
C SER A 289 -12.20 -20.26 11.85
N LYS A 290 -10.96 -20.73 12.03
CA LYS A 290 -9.92 -19.93 12.67
C LYS A 290 -9.00 -19.25 11.66
N LYS A 291 -9.54 -18.89 10.49
CA LYS A 291 -8.78 -18.17 9.47
C LYS A 291 -9.71 -17.19 8.75
N LEU A 292 -9.15 -16.07 8.32
CA LEU A 292 -9.91 -15.02 7.66
C LEU A 292 -9.58 -14.99 6.18
N CYS A 293 -10.61 -14.78 5.36
CA CYS A 293 -10.50 -14.84 3.92
C CYS A 293 -10.88 -13.50 3.30
N THR A 294 -10.11 -13.08 2.30
CA THR A 294 -10.27 -11.77 1.68
C THR A 294 -11.43 -11.75 0.69
N LEU A 295 -12.24 -10.70 0.76
CA LEU A 295 -13.22 -10.42 -0.29
C LEU A 295 -12.59 -9.54 -1.36
N ALA A 296 -12.87 -9.83 -2.62
CA ALA A 296 -12.34 -9.05 -3.74
C ALA A 296 -13.16 -7.80 -4.01
N ILE A 297 -13.43 -7.04 -2.95
CA ILE A 297 -14.24 -5.83 -3.00
C ILE A 297 -13.65 -4.87 -1.98
N HIS A 298 -13.55 -3.59 -2.33
CA HIS A 298 -13.12 -2.60 -1.35
C HIS A 298 -13.61 -1.22 -1.76
N ALA A 299 -13.40 -0.26 -0.87
CA ALA A 299 -13.85 1.10 -1.11
C ALA A 299 -12.76 1.89 -1.81
N MET A 300 -13.17 2.67 -2.81
CA MET A 300 -12.27 3.63 -3.45
C MET A 300 -13.11 4.83 -3.86
N ASP A 301 -12.87 5.97 -3.23
CA ASP A 301 -13.61 7.20 -3.52
C ASP A 301 -12.96 7.87 -4.72
N ILE A 302 -13.59 7.75 -5.87
CA ILE A 302 -13.07 8.34 -7.09
C ILE A 302 -13.65 9.75 -7.22
N PRO A 303 -12.80 10.76 -7.38
CA PRO A 303 -13.27 12.14 -7.33
C PRO A 303 -13.91 12.56 -8.65
N PRO A 304 -14.71 13.63 -8.65
CA PRO A 304 -15.21 14.19 -9.91
C PRO A 304 -14.07 14.51 -10.86
N PRO A 305 -14.29 14.40 -12.17
CA PRO A 305 -15.60 14.17 -12.79
C PRO A 305 -15.97 12.70 -13.03
N THR A 306 -14.98 11.79 -13.03
CA THR A 306 -15.26 10.37 -13.26
C THR A 306 -16.10 9.78 -12.13
N GLY A 307 -15.88 10.24 -10.90
CA GLY A 307 -16.60 9.74 -9.76
C GLY A 307 -17.52 10.77 -9.15
N PRO A 308 -18.27 10.39 -8.10
CA PRO A 308 -18.30 9.08 -7.45
C PRO A 308 -18.84 7.99 -8.35
N THR A 309 -18.21 6.82 -8.31
CA THR A 309 -18.58 5.76 -9.22
C THR A 309 -18.06 4.44 -8.69
N TRP A 310 -18.83 3.38 -8.98
CA TRP A 310 -18.34 2.03 -8.78
C TRP A 310 -17.31 1.70 -9.87
N ALA A 311 -16.45 0.73 -9.57
CA ALA A 311 -15.50 0.21 -10.54
C ALA A 311 -15.72 -1.29 -10.65
N LEU A 312 -16.13 -1.74 -11.82
CA LEU A 312 -16.31 -3.16 -12.08
C LEU A 312 -15.01 -3.67 -12.67
N GLY A 313 -14.19 -4.27 -11.83
CA GLY A 313 -12.87 -4.77 -12.19
C GLY A 313 -12.84 -6.27 -12.42
N ALA A 314 -11.65 -6.85 -12.22
CA ALA A 314 -11.44 -8.27 -12.53
C ALA A 314 -12.43 -9.18 -11.81
N THR A 315 -12.82 -8.81 -10.59
CA THR A 315 -13.82 -9.60 -9.88
C THR A 315 -15.07 -9.78 -10.72
N PHE A 316 -15.50 -8.71 -11.41
CA PHE A 316 -16.69 -8.76 -12.25
C PHE A 316 -16.40 -9.36 -13.62
N ILE A 317 -15.30 -8.96 -14.24
CA ILE A 317 -14.99 -9.40 -15.60
C ILE A 317 -14.63 -10.88 -15.65
N ARG A 318 -14.21 -11.46 -14.53
CA ARG A 318 -13.97 -12.90 -14.48
C ARG A 318 -15.23 -13.70 -14.82
N LYS A 319 -16.40 -13.18 -14.46
CA LYS A 319 -17.64 -13.89 -14.75
C LYS A 319 -18.29 -13.44 -16.06
N PHE A 320 -18.08 -12.18 -16.47
CA PHE A 320 -18.74 -11.65 -17.66
C PHE A 320 -17.70 -11.14 -18.64
N TYR A 321 -17.51 -11.89 -19.72
CA TYR A 321 -16.77 -11.42 -20.89
C TYR A 321 -17.29 -10.06 -21.34
N THR A 322 -16.37 -9.13 -21.59
CA THR A 322 -16.72 -7.73 -21.81
C THR A 322 -16.21 -7.25 -23.16
N GLU A 323 -17.09 -6.66 -23.96
CA GLU A 323 -16.76 -6.12 -25.27
C GLU A 323 -16.94 -4.62 -25.23
N PHE A 324 -15.87 -3.89 -25.52
CA PHE A 324 -15.89 -2.43 -25.51
C PHE A 324 -16.07 -1.95 -26.94
N ASP A 325 -17.21 -1.31 -27.20
CA ASP A 325 -17.62 -0.93 -28.56
C ASP A 325 -17.36 0.55 -28.76
N ARG A 326 -16.36 0.88 -29.57
CA ARG A 326 -16.04 2.27 -29.85
C ARG A 326 -17.01 2.88 -30.86
N ARG A 327 -17.37 2.13 -31.90
CA ARG A 327 -18.22 2.68 -32.95
C ARG A 327 -19.58 3.08 -32.40
N ASN A 328 -20.22 2.21 -31.64
CA ASN A 328 -21.56 2.47 -31.13
C ASN A 328 -21.56 2.97 -29.69
N ASN A 329 -20.38 3.21 -29.09
CA ASN A 329 -20.25 3.78 -27.75
C ASN A 329 -21.05 2.98 -26.72
N ARG A 330 -20.73 1.69 -26.62
CA ARG A 330 -21.46 0.83 -25.72
C ARG A 330 -20.54 -0.26 -25.18
N ILE A 331 -21.02 -0.95 -24.17
CA ILE A 331 -20.31 -2.06 -23.54
C ILE A 331 -21.18 -3.29 -23.59
N GLY A 332 -20.63 -4.39 -24.08
CA GLY A 332 -21.35 -5.65 -24.19
C GLY A 332 -20.92 -6.62 -23.10
N PHE A 333 -21.89 -7.35 -22.57
CA PHE A 333 -21.64 -8.37 -21.57
C PHE A 333 -22.21 -9.70 -22.03
N ALA A 334 -21.44 -10.77 -21.79
CA ALA A 334 -21.90 -12.14 -22.01
C ALA A 334 -21.19 -13.02 -21.01
N LEU A 335 -21.89 -14.07 -20.58
CA LEU A 335 -21.34 -14.94 -19.55
C LEU A 335 -20.02 -15.56 -20.00
N ALA A 336 -19.01 -15.51 -19.14
CA ALA A 336 -17.69 -15.99 -19.50
C ALA A 336 -17.61 -17.49 -19.35
N ARG A 337 -16.85 -18.12 -20.24
CA ARG A 337 -16.58 -19.55 -20.16
C ARG A 337 -15.19 -19.85 -20.69
N GLY B 1 27.06 1.45 36.46
CA GLY B 1 26.12 2.10 35.56
C GLY B 1 26.65 3.40 35.00
N ASN B 2 27.35 3.31 33.86
CA ASN B 2 28.00 4.49 33.30
C ASN B 2 27.95 4.50 31.78
N THR B 3 27.06 3.74 31.15
CA THR B 3 27.06 3.55 29.71
C THR B 3 25.80 4.17 29.10
N THR B 4 25.98 5.03 28.11
CA THR B 4 24.91 5.53 27.25
C THR B 4 25.40 5.49 25.81
N SER B 5 24.90 4.54 25.02
CA SER B 5 25.27 4.43 23.62
C SER B 5 24.21 5.05 22.72
N SER B 6 24.65 5.54 21.57
CA SER B 6 23.77 6.18 20.59
C SER B 6 23.84 5.41 19.27
N VAL B 7 22.68 5.12 18.70
CA VAL B 7 22.61 4.50 17.37
C VAL B 7 22.02 5.53 16.42
N ILE B 8 22.79 5.87 15.39
CA ILE B 8 22.31 6.78 14.35
C ILE B 8 21.21 6.09 13.55
N LEU B 9 20.28 6.87 13.04
CA LEU B 9 19.17 6.34 12.24
C LEU B 9 19.12 7.05 10.89
N THR B 10 18.66 6.31 9.87
CA THR B 10 18.45 6.83 8.54
C THR B 10 16.97 7.16 8.35
N ASN B 11 16.68 8.39 7.93
CA ASN B 11 15.32 8.83 7.63
C ASN B 11 15.07 8.62 6.15
N TYR B 12 14.26 7.62 5.82
CA TYR B 12 13.82 7.39 4.46
C TYR B 12 12.43 8.01 4.30
N MET B 13 12.38 9.19 3.68
CA MET B 13 11.15 9.82 3.24
C MET B 13 10.14 10.01 4.37
N ASP B 14 10.62 10.30 5.56
CA ASP B 14 9.81 10.60 6.74
C ASP B 14 8.93 9.44 7.17
N THR B 15 9.09 8.26 6.58
CA THR B 15 8.23 7.14 6.91
C THR B 15 8.96 5.91 7.45
N GLN B 16 10.28 5.81 7.26
CA GLN B 16 11.05 4.67 7.76
C GLN B 16 12.31 5.19 8.43
N TYR B 17 12.44 4.91 9.73
CA TYR B 17 13.60 5.31 10.53
C TYR B 17 14.26 4.04 11.07
N TYR B 18 15.50 3.78 10.63
CA TYR B 18 16.15 2.53 10.99
C TYR B 18 17.64 2.74 11.25
N GLY B 19 18.19 1.87 12.11
CA GLY B 19 19.60 1.90 12.44
C GLY B 19 20.26 0.55 12.19
N GLU B 20 21.53 0.47 12.55
CA GLU B 20 22.34 -0.71 12.27
C GLU B 20 22.64 -1.47 13.57
N ILE B 21 22.43 -2.78 13.52
CA ILE B 21 22.89 -3.71 14.54
C ILE B 21 23.70 -4.80 13.86
N GLY B 22 24.60 -5.40 14.63
CA GLY B 22 25.40 -6.53 14.16
C GLY B 22 25.13 -7.76 14.99
N ILE B 23 24.97 -8.89 14.31
CA ILE B 23 24.63 -10.15 14.95
C ILE B 23 25.64 -11.20 14.55
N GLY B 24 26.38 -11.74 15.51
CA GLY B 24 27.24 -12.87 15.31
C GLY B 24 28.71 -12.54 15.48
N THR B 25 29.53 -13.59 15.39
CA THR B 25 30.98 -13.46 15.34
C THR B 25 31.45 -14.22 14.10
N PRO B 26 31.83 -13.51 13.03
CA PRO B 26 31.90 -12.04 12.93
C PRO B 26 30.50 -11.42 12.80
N PRO B 27 30.37 -10.12 13.07
CA PRO B 27 29.05 -9.50 13.13
C PRO B 27 28.47 -9.24 11.74
N GLN B 28 27.38 -9.92 11.41
CA GLN B 28 26.62 -9.65 10.20
C GLN B 28 25.65 -8.52 10.47
N THR B 29 25.81 -7.41 9.76
CA THR B 29 25.06 -6.18 10.05
C THR B 29 23.71 -6.17 9.36
N PHE B 30 22.74 -5.55 10.03
CA PHE B 30 21.37 -5.47 9.55
C PHE B 30 20.80 -4.08 9.81
N LYS B 31 19.91 -3.65 8.93
CA LYS B 31 19.13 -2.44 9.13
C LYS B 31 17.84 -2.81 9.87
N VAL B 32 17.62 -2.19 11.03
CA VAL B 32 16.46 -2.52 11.85
C VAL B 32 15.74 -1.25 12.30
N VAL B 33 14.41 -1.37 12.40
CA VAL B 33 13.57 -0.33 12.99
C VAL B 33 13.41 -0.63 14.47
N PHE B 34 13.62 0.38 15.31
CA PHE B 34 13.47 0.25 16.75
C PHE B 34 12.04 0.64 17.14
N ASP B 35 11.24 -0.37 17.51
CA ASP B 35 9.79 -0.27 17.58
C ASP B 35 9.31 -0.53 19.01
N THR B 36 8.89 0.52 19.71
CA THR B 36 8.32 0.35 21.03
C THR B 36 6.96 -0.33 21.02
N GLY B 37 6.38 -0.56 19.84
CA GLY B 37 5.09 -1.20 19.66
C GLY B 37 5.13 -2.71 19.54
N SER B 38 6.33 -3.31 19.50
CA SER B 38 6.47 -4.75 19.50
C SER B 38 7.61 -5.12 20.45
N SER B 39 7.80 -6.43 20.66
CA SER B 39 8.71 -6.88 21.69
C SER B 39 9.75 -7.92 21.26
N ASN B 40 9.69 -8.40 20.02
CA ASN B 40 10.62 -9.41 19.55
C ASN B 40 11.65 -8.82 18.59
N VAL B 41 12.85 -9.37 18.61
CA VAL B 41 13.87 -9.05 17.61
C VAL B 41 13.79 -10.09 16.50
N TRP B 42 13.67 -9.63 15.26
CA TRP B 42 13.69 -10.54 14.12
C TRP B 42 14.43 -9.92 12.96
N VAL B 43 15.16 -10.77 12.24
CA VAL B 43 15.83 -10.40 10.99
C VAL B 43 15.54 -11.50 9.97
N PRO B 44 15.71 -11.21 8.68
CA PRO B 44 15.52 -12.27 7.67
C PRO B 44 16.60 -13.33 7.77
N SER B 45 16.20 -14.59 7.63
CA SER B 45 17.13 -15.70 7.77
C SER B 45 17.67 -16.12 6.41
N SER B 46 18.85 -16.76 6.46
CA SER B 46 19.40 -17.39 5.27
C SER B 46 18.51 -18.53 4.79
N LYS B 47 17.87 -19.24 5.72
CA LYS B 47 16.94 -20.30 5.37
C LYS B 47 15.62 -19.77 4.83
N CYS B 48 15.45 -18.47 4.62
CA CYS B 48 14.24 -17.98 3.98
C CYS B 48 14.19 -18.44 2.54
N SER B 49 12.99 -18.75 2.06
CA SER B 49 12.81 -19.25 0.71
C SER B 49 13.16 -18.18 -0.32
N ARG B 50 13.72 -18.63 -1.45
CA ARG B 50 13.99 -17.72 -2.57
C ARG B 50 12.72 -17.31 -3.29
N LEU B 51 11.61 -18.01 -3.06
CA LEU B 51 10.34 -17.69 -3.68
C LEU B 51 9.58 -16.59 -2.95
N TYR B 52 10.14 -16.05 -1.86
CA TYR B 52 9.68 -14.82 -1.25
C TYR B 52 10.61 -13.72 -1.72
N THR B 53 10.09 -12.82 -2.56
CA THR B 53 10.96 -11.86 -3.23
C THR B 53 11.64 -10.91 -2.23
N ALA B 54 10.98 -10.62 -1.12
CA ALA B 54 11.59 -9.75 -0.12
C ALA B 54 12.93 -10.31 0.37
N CYS B 55 13.04 -11.63 0.45
CA CYS B 55 14.27 -12.26 0.93
C CYS B 55 15.41 -12.17 -0.08
N VAL B 56 15.14 -11.79 -1.32
CA VAL B 56 16.20 -11.58 -2.30
C VAL B 56 16.83 -10.21 -2.11
N TYR B 57 16.02 -9.21 -1.77
CA TYR B 57 16.44 -7.81 -1.76
C TYR B 57 16.90 -7.33 -0.39
N HIS B 58 16.92 -8.20 0.63
CA HIS B 58 17.29 -7.80 1.98
C HIS B 58 18.45 -8.64 2.48
N LYS B 59 19.15 -8.12 3.48
CA LYS B 59 20.22 -8.86 4.12
C LYS B 59 19.65 -10.09 4.81
N LEU B 60 20.43 -11.18 4.81
CA LEU B 60 20.03 -12.43 5.44
C LEU B 60 21.05 -12.83 6.50
N PHE B 61 20.58 -13.56 7.51
CA PHE B 61 21.43 -14.01 8.61
C PHE B 61 21.79 -15.47 8.37
N ASP B 62 23.08 -15.72 8.13
CA ASP B 62 23.58 -17.08 7.94
C ASP B 62 24.01 -17.64 9.30
N ALA B 63 23.24 -18.60 9.81
CA ALA B 63 23.50 -19.15 11.13
C ALA B 63 24.84 -19.90 11.17
N SER B 64 25.12 -20.71 10.14
CA SER B 64 26.36 -21.46 10.11
C SER B 64 27.59 -20.60 9.82
N ASP B 65 27.50 -19.26 9.79
CA ASP B 65 28.64 -18.40 9.49
C ASP B 65 29.03 -17.54 10.69
N SER B 66 28.61 -17.91 11.89
CA SER B 66 28.97 -17.15 13.08
C SER B 66 29.22 -18.11 14.22
N SER B 67 30.39 -17.96 14.86
CA SER B 67 30.77 -18.86 15.94
C SER B 67 29.83 -18.75 17.12
N SER B 68 29.20 -17.59 17.31
CA SER B 68 28.39 -17.35 18.49
C SER B 68 26.99 -17.96 18.39
N TYR B 69 26.59 -18.45 17.22
CA TYR B 69 25.22 -18.93 17.05
C TYR B 69 24.97 -20.15 17.92
N LYS B 70 23.72 -20.27 18.39
CA LYS B 70 23.27 -21.40 19.19
C LYS B 70 21.84 -21.75 18.77
N HIS B 71 21.57 -23.05 18.65
CA HIS B 71 20.32 -23.52 18.07
C HIS B 71 19.21 -23.53 19.12
N ASN B 72 18.05 -22.98 18.75
CA ASN B 72 16.82 -23.26 19.47
C ASN B 72 15.74 -23.82 18.56
N GLY B 73 15.47 -23.17 17.44
CA GLY B 73 14.62 -23.74 16.41
C GLY B 73 13.13 -23.76 16.68
N THR B 74 12.66 -23.12 17.75
CA THR B 74 11.24 -23.07 18.03
C THR B 74 10.51 -22.22 16.99
N GLU B 75 9.38 -22.72 16.49
CA GLU B 75 8.61 -21.98 15.49
C GLU B 75 8.03 -20.70 16.09
N LEU B 76 8.06 -19.63 15.30
CA LEU B 76 7.67 -18.29 15.74
C LEU B 76 6.80 -17.63 14.68
N THR B 77 5.72 -16.98 15.13
CA THR B 77 4.85 -16.24 14.21
C THR B 77 4.51 -14.89 14.83
N LEU B 78 4.90 -13.82 14.15
CA LEU B 78 4.59 -12.47 14.59
C LEU B 78 3.57 -11.85 13.64
N ARG B 79 2.61 -11.13 14.21
CA ARG B 79 1.53 -10.53 13.46
C ARG B 79 1.55 -9.03 13.65
N TYR B 80 1.65 -8.29 12.55
CA TYR B 80 1.50 -6.85 12.52
C TYR B 80 0.19 -6.49 11.85
N SER B 81 -0.06 -5.18 11.75
CA SER B 81 -1.28 -4.70 11.09
C SER B 81 -1.32 -5.11 9.63
N THR B 82 -0.16 -5.33 9.00
CA THR B 82 -0.10 -5.71 7.60
C THR B 82 -0.19 -7.21 7.38
N GLY B 83 0.04 -8.02 8.39
CA GLY B 83 -0.01 -9.45 8.21
C GLY B 83 0.96 -10.15 9.16
N THR B 84 1.59 -11.20 8.64
CA THR B 84 2.27 -12.20 9.45
C THR B 84 3.66 -12.48 8.90
N VAL B 85 4.64 -12.60 9.79
CA VAL B 85 5.95 -13.16 9.45
C VAL B 85 6.11 -14.44 10.25
N SER B 86 6.96 -15.33 9.74
CA SER B 86 7.17 -16.62 10.35
C SER B 86 8.63 -17.01 10.26
N GLY B 87 9.07 -17.80 11.23
CA GLY B 87 10.45 -18.26 11.29
C GLY B 87 10.71 -19.13 12.51
N PHE B 88 11.89 -19.01 13.09
CA PHE B 88 12.25 -19.81 14.25
C PHE B 88 13.19 -19.02 15.14
N LEU B 89 13.25 -19.43 16.41
CA LEU B 89 14.13 -18.77 17.35
C LEU B 89 15.58 -19.15 17.08
N SER B 90 16.49 -18.28 17.53
CA SER B 90 17.92 -18.50 17.43
C SER B 90 18.59 -17.61 18.46
N GLN B 91 19.76 -18.04 18.92
CA GLN B 91 20.52 -17.29 19.91
C GLN B 91 21.86 -16.87 19.32
N ASP B 92 22.24 -15.62 19.57
CA ASP B 92 23.54 -15.11 19.14
C ASP B 92 23.79 -13.77 19.83
N ILE B 93 25.02 -13.28 19.70
CA ILE B 93 25.40 -11.99 20.26
C ILE B 93 24.95 -10.89 19.32
N ILE B 94 24.43 -9.80 19.89
CA ILE B 94 23.90 -8.69 19.10
C ILE B 94 24.55 -7.41 19.60
N THR B 95 25.15 -6.65 18.68
CA THR B 95 25.79 -5.38 18.98
C THR B 95 24.81 -4.25 18.67
N VAL B 96 24.51 -3.43 19.67
CA VAL B 96 23.69 -2.24 19.50
C VAL B 96 24.47 -1.08 20.10
N GLY B 97 24.87 -0.13 19.27
CA GLY B 97 25.76 0.91 19.73
C GLY B 97 27.05 0.29 20.23
N GLY B 98 27.43 0.65 21.44
CA GLY B 98 28.60 0.04 22.05
C GLY B 98 28.24 -1.03 23.04
N ILE B 99 27.09 -1.67 22.84
CA ILE B 99 26.52 -2.62 23.80
C ILE B 99 26.34 -3.96 23.10
N THR B 100 26.75 -5.03 23.78
CA THR B 100 26.59 -6.39 23.30
C THR B 100 25.67 -7.14 24.25
N VAL B 101 24.79 -7.97 23.69
CA VAL B 101 23.90 -8.80 24.50
C VAL B 101 23.77 -10.17 23.86
N THR B 102 23.77 -11.20 24.70
CA THR B 102 23.27 -12.50 24.29
C THR B 102 21.76 -12.40 24.14
N GLN B 103 21.26 -12.49 22.91
CA GLN B 103 19.87 -12.18 22.63
C GLN B 103 19.21 -13.32 21.88
N MET B 104 17.97 -13.63 22.26
CA MET B 104 17.14 -14.58 21.54
C MET B 104 16.31 -13.82 20.50
N PHE B 105 16.46 -14.19 19.23
CA PHE B 105 15.84 -13.45 18.15
C PHE B 105 15.25 -14.43 17.15
N GLY B 106 14.39 -13.91 16.28
CA GLY B 106 13.70 -14.71 15.29
C GLY B 106 14.39 -14.65 13.93
N GLU B 107 14.71 -15.83 13.40
CA GLU B 107 15.20 -15.94 12.02
C GLU B 107 13.98 -16.11 11.12
N VAL B 108 13.63 -15.06 10.38
CA VAL B 108 12.37 -15.03 9.65
C VAL B 108 12.51 -15.77 8.33
N THR B 109 11.51 -16.60 8.01
CA THR B 109 11.55 -17.47 6.85
C THR B 109 10.41 -17.20 5.89
N GLU B 110 9.48 -16.31 6.22
CA GLU B 110 8.38 -15.94 5.34
C GLU B 110 8.19 -14.43 5.45
N MET B 111 8.45 -13.71 4.37
CA MET B 111 8.29 -12.25 4.31
C MET B 111 7.45 -11.89 3.10
N PRO B 112 6.13 -11.76 3.26
CA PRO B 112 5.27 -11.41 2.12
C PRO B 112 5.74 -10.14 1.43
N ALA B 113 5.49 -10.08 0.11
CA ALA B 113 5.87 -8.91 -0.67
C ALA B 113 5.17 -7.65 -0.18
N LEU B 114 3.86 -7.75 0.12
CA LEU B 114 3.16 -6.69 0.82
C LEU B 114 3.17 -7.02 2.31
N PRO B 115 3.90 -6.28 3.15
CA PRO B 115 4.53 -4.99 2.85
C PRO B 115 6.05 -4.99 2.60
N PHE B 116 6.74 -6.11 2.80
CA PHE B 116 8.18 -6.05 3.01
C PHE B 116 8.98 -5.81 1.75
N MET B 117 8.37 -5.84 0.57
CA MET B 117 9.05 -5.31 -0.61
C MET B 117 9.08 -3.78 -0.63
N LEU B 118 8.40 -3.13 0.31
CA LEU B 118 8.42 -1.68 0.46
C LEU B 118 9.36 -1.20 1.56
N ALA B 119 10.07 -2.11 2.21
CA ALA B 119 10.85 -1.77 3.40
C ALA B 119 12.31 -1.53 3.03
N GLU B 120 12.85 -0.40 3.47
CA GLU B 120 14.28 -0.15 3.38
C GLU B 120 15.07 -0.85 4.48
N PHE B 121 14.44 -1.08 5.63
CA PHE B 121 15.05 -1.83 6.73
C PHE B 121 15.04 -3.32 6.42
N ASP B 122 15.82 -4.09 7.18
CA ASP B 122 15.83 -5.54 7.04
C ASP B 122 14.98 -6.22 8.10
N GLY B 123 15.13 -5.82 9.37
CA GLY B 123 14.41 -6.45 10.46
C GLY B 123 13.91 -5.45 11.49
N VAL B 124 13.43 -5.96 12.63
CA VAL B 124 12.82 -5.15 13.67
C VAL B 124 13.46 -5.51 15.01
N VAL B 125 13.72 -4.49 15.82
CA VAL B 125 14.16 -4.66 17.20
C VAL B 125 13.05 -4.09 18.07
N GLY B 126 12.21 -4.97 18.60
CA GLY B 126 11.08 -4.53 19.39
C GLY B 126 11.53 -4.04 20.76
N MET B 127 11.18 -2.79 21.09
CA MET B 127 11.58 -2.18 22.36
C MET B 127 10.47 -2.25 23.40
N GLY B 128 9.53 -3.17 23.24
CA GLY B 128 8.42 -3.28 24.16
C GLY B 128 8.72 -4.17 25.36
N PHE B 129 7.70 -4.38 26.17
CA PHE B 129 7.82 -5.15 27.41
C PHE B 129 7.69 -6.65 27.12
N ILE B 130 8.20 -7.45 28.07
CA ILE B 130 8.11 -8.90 27.93
C ILE B 130 6.66 -9.37 27.94
N GLU B 131 5.77 -8.62 28.59
CA GLU B 131 4.35 -8.96 28.60
C GLU B 131 3.82 -9.22 27.20
N GLN B 132 4.34 -8.51 26.20
CA GLN B 132 3.83 -8.58 24.83
C GLN B 132 4.72 -9.40 23.90
N ALA B 133 5.81 -9.98 24.40
CA ALA B 133 6.70 -10.75 23.53
C ALA B 133 6.08 -12.10 23.16
N ILE B 134 6.20 -12.46 21.89
CA ILE B 134 5.72 -13.75 21.41
C ILE B 134 6.69 -14.85 21.82
N GLY B 135 6.16 -15.94 22.33
CA GLY B 135 7.00 -17.01 22.87
C GLY B 135 7.64 -16.70 24.19
N ARG B 136 7.18 -15.63 24.87
CA ARG B 136 7.76 -15.18 26.14
C ARG B 136 9.28 -15.02 26.05
N VAL B 137 9.78 -14.63 24.88
CA VAL B 137 11.20 -14.41 24.69
C VAL B 137 11.58 -13.07 25.32
N THR B 138 12.66 -13.06 26.08
CA THR B 138 13.04 -11.87 26.82
C THR B 138 13.38 -10.74 25.86
N PRO B 139 12.84 -9.54 26.06
CA PRO B 139 13.16 -8.43 25.15
C PRO B 139 14.61 -8.01 25.28
N ILE B 140 15.11 -7.39 24.21
CA ILE B 140 16.52 -7.03 24.16
C ILE B 140 16.85 -5.96 25.19
N PHE B 141 15.93 -5.03 25.44
CA PHE B 141 16.24 -3.99 26.41
C PHE B 141 16.28 -4.55 27.82
N ASP B 142 15.52 -5.61 28.10
CA ASP B 142 15.61 -6.25 29.40
C ASP B 142 16.99 -6.88 29.60
N ASN B 143 17.49 -7.57 28.59
CA ASN B 143 18.85 -8.12 28.66
C ASN B 143 19.87 -7.01 28.86
N ILE B 144 19.68 -5.87 28.20
CA ILE B 144 20.60 -4.74 28.38
C ILE B 144 20.51 -4.21 29.81
N ILE B 145 19.31 -4.24 30.40
CA ILE B 145 19.16 -3.79 31.79
C ILE B 145 19.88 -4.74 32.74
N SER B 146 19.76 -6.06 32.51
CA SER B 146 20.36 -7.06 33.39
C SER B 146 21.87 -6.91 33.51
N GLN B 147 22.52 -6.31 32.52
CA GLN B 147 23.97 -6.13 32.54
C GLN B 147 24.42 -5.01 33.46
N GLY B 148 23.51 -4.20 33.98
CA GLY B 148 23.88 -3.12 34.88
C GLY B 148 24.85 -2.12 34.28
N VAL B 149 24.84 -1.97 32.95
CA VAL B 149 25.77 -1.04 32.32
C VAL B 149 25.18 0.37 32.17
N LEU B 150 23.85 0.48 32.05
CA LEU B 150 23.25 1.74 31.64
C LEU B 150 23.26 2.76 32.76
N LYS B 151 23.52 4.02 32.42
CA LYS B 151 23.46 5.09 33.40
C LYS B 151 22.07 5.18 34.00
N GLU B 152 21.03 5.07 33.18
CA GLU B 152 19.65 4.92 33.62
C GLU B 152 18.97 3.91 32.71
N ASP B 153 18.07 3.09 33.27
CA ASP B 153 17.39 2.09 32.44
C ASP B 153 16.28 2.80 31.66
N VAL B 154 16.72 3.43 30.57
CA VAL B 154 15.94 4.43 29.85
C VAL B 154 16.45 4.44 28.41
N PHE B 155 15.55 4.63 27.46
CA PHE B 155 15.96 4.91 26.09
C PHE B 155 15.10 6.03 25.54
N SER B 156 15.60 6.66 24.48
CA SER B 156 14.92 7.83 23.93
C SER B 156 15.10 7.84 22.42
N PHE B 157 14.17 8.54 21.74
CA PHE B 157 14.14 8.60 20.30
C PHE B 157 14.17 10.04 19.83
N TYR B 158 15.09 10.35 18.91
CA TYR B 158 15.06 11.57 18.14
C TYR B 158 14.79 11.20 16.68
N TYR B 159 13.73 11.76 16.11
CA TYR B 159 13.42 11.62 14.68
C TYR B 159 13.50 13.00 14.04
N ASN B 160 14.19 13.08 12.92
CA ASN B 160 14.40 14.31 12.19
C ASN B 160 13.41 14.41 11.03
N ARG B 161 13.14 15.65 10.61
CA ARG B 161 12.42 15.86 9.36
C ARG B 161 13.40 15.68 8.20
N ASP B 162 12.87 15.26 7.07
CA ASP B 162 13.73 14.92 5.95
C ASP B 162 14.36 16.16 5.33
N SER B 163 15.67 16.07 5.08
CA SER B 163 16.48 17.11 4.48
C SER B 163 16.98 16.61 3.12
N GLU B 164 17.12 17.49 2.11
CA GLU B 164 17.14 18.98 2.07
C GLU B 164 18.41 19.58 2.70
N ASN B 165 19.30 18.72 3.20
CA ASN B 165 20.60 19.17 3.65
C ASN B 165 21.72 18.29 3.11
N SER B 166 21.42 17.01 2.87
CA SER B 166 22.37 15.96 2.51
C SER B 166 23.43 15.72 3.59
N GLN B 167 23.38 16.43 4.71
CA GLN B 167 24.24 16.17 5.86
C GLN B 167 23.48 16.00 7.15
N SER B 168 22.21 16.39 7.20
CA SER B 168 21.42 16.32 8.42
C SER B 168 21.39 14.90 8.97
N LEU B 169 21.34 14.81 10.30
CA LEU B 169 21.16 13.53 10.96
C LEU B 169 19.73 13.05 10.78
N GLY B 170 19.57 11.81 10.30
CA GLY B 170 18.23 11.28 10.08
C GLY B 170 17.47 11.06 11.37
N GLY B 171 18.17 10.63 12.41
CA GLY B 171 17.55 10.38 13.70
C GLY B 171 18.54 9.69 14.61
N GLN B 172 18.13 9.53 15.86
CA GLN B 172 19.03 8.95 16.83
C GLN B 172 18.24 8.33 17.97
N ILE B 173 18.65 7.13 18.37
CA ILE B 173 18.17 6.49 19.60
C ILE B 173 19.33 6.46 20.57
N VAL B 174 19.05 6.83 21.82
CA VAL B 174 20.02 6.75 22.91
C VAL B 174 19.57 5.65 23.86
N LEU B 175 20.49 4.76 24.21
CA LEU B 175 20.26 3.72 25.20
C LEU B 175 20.92 4.15 26.50
N GLY B 176 20.12 4.33 27.55
CA GLY B 176 20.63 4.69 28.86
C GLY B 176 20.50 6.16 29.24
N GLY B 177 19.84 6.96 28.42
CA GLY B 177 19.74 8.38 28.71
C GLY B 177 19.10 9.12 27.55
N SER B 178 19.37 10.42 27.48
CA SER B 178 18.81 11.27 26.44
C SER B 178 19.87 12.27 26.00
N ASP B 179 19.68 12.81 24.79
CA ASP B 179 20.64 13.71 24.16
C ASP B 179 20.11 15.13 24.17
N PRO B 180 20.58 15.99 25.08
CA PRO B 180 20.06 17.37 25.12
C PRO B 180 20.33 18.20 23.86
N GLN B 181 21.18 17.71 22.94
CA GLN B 181 21.38 18.44 21.68
C GLN B 181 20.16 18.39 20.78
N HIS B 182 19.22 17.47 21.01
CA HIS B 182 18.07 17.30 20.14
C HIS B 182 16.74 17.54 20.86
N TYR B 183 16.78 18.24 22.00
CA TYR B 183 15.56 18.69 22.64
C TYR B 183 15.88 19.95 23.44
N GLU B 184 14.85 20.73 23.68
CA GLU B 184 14.98 21.95 24.46
C GLU B 184 13.97 21.93 25.60
N GLY B 185 14.25 22.74 26.62
CA GLY B 185 13.41 22.75 27.79
C GLY B 185 13.54 21.45 28.58
N ASN B 186 12.58 21.24 29.47
CA ASN B 186 12.56 20.06 30.32
C ASN B 186 11.53 19.06 29.81
N PHE B 187 11.79 17.79 30.10
CA PHE B 187 10.80 16.77 29.81
C PHE B 187 9.55 16.97 30.65
N HIS B 188 8.40 16.73 30.04
CA HIS B 188 7.14 16.64 30.76
C HIS B 188 6.75 15.16 30.83
N TYR B 189 6.67 14.62 32.04
CA TYR B 189 6.52 13.19 32.23
C TYR B 189 5.07 12.81 32.49
N ILE B 190 4.69 11.64 31.98
CA ILE B 190 3.33 11.11 32.08
C ILE B 190 3.42 9.64 32.44
N ASN B 191 2.57 9.21 33.37
CA ASN B 191 2.52 7.81 33.77
C ASN B 191 2.06 6.92 32.63
N LEU B 192 2.64 5.72 32.57
CA LEU B 192 1.99 4.62 31.85
C LEU B 192 0.73 4.21 32.59
N ILE B 193 -0.27 3.75 31.84
CA ILE B 193 -1.48 3.25 32.46
C ILE B 193 -1.20 1.99 33.25
N LYS B 194 -0.66 0.98 32.58
CA LYS B 194 -0.20 -0.25 33.20
C LYS B 194 1.13 -0.65 32.59
N THR B 195 1.96 -1.29 33.40
CA THR B 195 3.21 -1.84 32.89
C THR B 195 2.91 -2.93 31.86
N GLY B 196 3.75 -3.02 30.84
CA GLY B 196 3.58 -3.98 29.76
C GLY B 196 3.30 -3.35 28.41
N VAL B 197 2.81 -2.10 28.37
CA VAL B 197 2.56 -1.38 27.14
C VAL B 197 3.09 0.03 27.31
N TRP B 198 3.76 0.56 26.28
CA TRP B 198 4.16 1.97 26.26
C TRP B 198 2.93 2.80 25.87
N GLN B 199 1.93 2.76 26.75
CA GLN B 199 0.64 3.36 26.52
C GLN B 199 0.33 4.34 27.63
N ILE B 200 -0.26 5.48 27.28
CA ILE B 200 -0.57 6.52 28.24
C ILE B 200 -2.01 6.97 28.07
N GLN B 201 -2.54 7.60 29.11
CA GLN B 201 -3.90 8.13 29.06
C GLN B 201 -3.91 9.43 28.29
N MET B 202 -4.92 9.59 27.44
CA MET B 202 -5.13 10.80 26.66
C MET B 202 -6.55 11.30 26.94
N LYS B 203 -6.66 12.59 27.29
CA LYS B 203 -7.92 13.16 27.74
C LYS B 203 -8.49 14.17 26.73
N GLY B 204 -8.29 13.93 25.44
CA GLY B 204 -8.87 14.82 24.45
C GLY B 204 -8.01 15.09 23.23
N VAL B 205 -8.66 15.11 22.06
CA VAL B 205 -8.04 15.51 20.80
C VAL B 205 -8.80 16.71 20.28
N SER B 206 -8.08 17.75 19.88
CA SER B 206 -8.67 19.03 19.51
C SER B 206 -8.28 19.43 18.09
N VAL B 207 -9.22 20.06 17.39
CA VAL B 207 -8.97 20.71 16.11
C VAL B 207 -9.13 22.20 16.36
N GLY B 208 -8.03 22.94 16.24
CA GLY B 208 -8.07 24.33 16.65
C GLY B 208 -8.41 24.41 18.11
N SER B 209 -9.36 25.29 18.45
CA SER B 209 -9.81 25.40 19.83
C SER B 209 -10.87 24.37 20.19
N SER B 210 -11.45 23.71 19.22
CA SER B 210 -12.61 22.86 19.43
C SER B 210 -12.17 21.43 19.74
N THR B 211 -12.56 20.92 20.91
CA THR B 211 -12.26 19.54 21.28
C THR B 211 -13.33 18.63 20.68
N LEU B 212 -12.93 17.78 19.74
CA LEU B 212 -13.90 17.03 18.98
C LEU B 212 -13.88 15.52 19.25
N LEU B 213 -12.81 14.97 19.81
CA LEU B 213 -12.74 13.54 20.05
C LEU B 213 -12.15 13.28 21.42
N CYS B 214 -12.33 12.04 21.89
CA CYS B 214 -11.66 11.55 23.09
C CYS B 214 -11.99 12.41 24.30
N GLU B 215 -13.20 12.99 24.33
CA GLU B 215 -13.54 13.91 25.40
C GLU B 215 -13.62 13.20 26.74
N ASP B 216 -14.11 11.96 26.75
CA ASP B 216 -14.18 11.16 27.96
C ASP B 216 -12.94 10.29 28.17
N GLY B 217 -11.82 10.68 27.57
CA GLY B 217 -10.58 9.93 27.73
C GLY B 217 -10.44 8.76 26.77
N CYS B 218 -9.19 8.43 26.43
CA CYS B 218 -8.89 7.32 25.54
C CYS B 218 -7.40 7.01 25.67
N LEU B 219 -6.97 5.96 24.99
CA LEU B 219 -5.61 5.47 25.08
C LEU B 219 -4.72 6.08 24.00
N ALA B 220 -3.41 6.15 24.29
CA ALA B 220 -2.42 6.61 23.32
C ALA B 220 -1.17 5.76 23.47
N LEU B 221 -0.90 4.94 22.47
CA LEU B 221 0.32 4.15 22.37
C LEU B 221 1.39 4.99 21.69
N VAL B 222 2.51 5.21 22.37
CA VAL B 222 3.64 5.96 21.81
C VAL B 222 4.51 4.95 21.06
N ASP B 223 4.33 4.87 19.75
CA ASP B 223 4.79 3.75 18.92
C ASP B 223 5.89 4.21 17.97
N THR B 224 7.15 3.94 18.34
CA THR B 224 8.29 4.33 17.52
C THR B 224 8.38 3.58 16.19
N GLY B 225 7.60 2.51 16.01
CA GLY B 225 7.50 1.84 14.73
C GLY B 225 6.40 2.32 13.82
N ALA B 226 5.66 3.35 14.23
CA ALA B 226 4.55 3.87 13.44
C ALA B 226 5.03 5.06 12.60
N SER B 227 4.83 4.97 11.29
CA SER B 227 5.19 6.09 10.42
C SER B 227 4.27 7.28 10.66
N TYR B 228 2.96 7.04 10.74
CA TYR B 228 1.97 8.08 10.93
C TYR B 228 1.40 8.07 12.34
N ILE B 229 0.71 9.15 12.67
CA ILE B 229 -0.26 9.11 13.76
C ILE B 229 -1.47 8.34 13.28
N SER B 230 -1.98 7.44 14.11
CA SER B 230 -3.14 6.64 13.75
C SER B 230 -4.17 6.66 14.87
N GLY B 231 -5.43 6.56 14.48
CA GLY B 231 -6.53 6.42 15.39
C GLY B 231 -7.53 5.41 14.86
N SER B 232 -8.58 5.18 15.64
CA SER B 232 -9.66 4.32 15.18
C SER B 232 -10.31 4.89 13.92
N THR B 233 -10.91 3.99 13.13
CA THR B 233 -11.63 4.43 11.94
C THR B 233 -12.73 5.42 12.29
N SER B 234 -13.36 5.26 13.44
CA SER B 234 -14.38 6.22 13.87
C SER B 234 -13.76 7.60 14.11
N SER B 235 -12.69 7.65 14.90
CA SER B 235 -12.09 8.95 15.24
C SER B 235 -11.52 9.64 14.00
N ILE B 236 -10.83 8.90 13.12
CA ILE B 236 -10.22 9.51 11.95
C ILE B 236 -11.28 10.02 11.00
N GLU B 237 -12.41 9.30 10.89
CA GLU B 237 -13.53 9.78 10.08
C GLU B 237 -13.96 11.17 10.52
N LYS B 238 -14.12 11.38 11.82
CA LYS B 238 -14.58 12.66 12.32
C LYS B 238 -13.50 13.73 12.18
N LEU B 239 -12.25 13.37 12.42
CA LEU B 239 -11.17 14.34 12.32
C LEU B 239 -10.96 14.80 10.88
N MET B 240 -10.95 13.86 9.93
CA MET B 240 -10.71 14.23 8.55
C MET B 240 -11.84 15.08 8.00
N GLU B 241 -13.08 14.76 8.38
CA GLU B 241 -14.20 15.61 8.01
C GLU B 241 -14.00 17.03 8.52
N ALA B 242 -13.51 17.17 9.75
CA ALA B 242 -13.22 18.49 10.29
C ALA B 242 -12.11 19.20 9.51
N LEU B 243 -11.11 18.45 9.02
CA LEU B 243 -10.02 19.05 8.27
C LEU B 243 -10.37 19.39 6.84
N GLY B 244 -11.47 18.87 6.30
CA GLY B 244 -11.71 19.01 4.88
C GLY B 244 -10.89 18.11 4.01
N ALA B 245 -10.26 17.08 4.57
CA ALA B 245 -9.45 16.15 3.80
C ALA B 245 -10.33 15.07 3.19
N LYS B 246 -9.92 14.60 2.03
CA LYS B 246 -10.66 13.59 1.27
C LYS B 246 -9.88 12.29 1.23
N LYS B 247 -10.60 11.18 1.13
CA LYS B 247 -9.98 9.87 1.24
C LYS B 247 -9.69 9.29 -0.15
N ARG B 248 -8.42 8.96 -0.37
CA ARG B 248 -8.00 8.15 -1.52
C ARG B 248 -8.21 6.70 -1.19
N LEU B 249 -7.59 5.79 -1.94
CA LEU B 249 -7.67 4.38 -1.59
C LEU B 249 -7.26 4.14 -0.14
N PHE B 250 -6.07 4.62 0.23
CA PHE B 250 -5.57 4.34 1.57
C PHE B 250 -5.24 5.55 2.42
N ASP B 251 -4.88 6.69 1.83
CA ASP B 251 -4.55 7.87 2.62
C ASP B 251 -5.62 8.96 2.46
N TYR B 252 -5.46 9.99 3.27
CA TYR B 252 -6.26 11.21 3.20
C TYR B 252 -5.39 12.33 2.65
N VAL B 253 -5.99 13.16 1.80
CA VAL B 253 -5.28 14.26 1.15
C VAL B 253 -6.09 15.54 1.24
N VAL B 254 -5.38 16.66 1.12
CA VAL B 254 -5.96 17.97 0.87
C VAL B 254 -5.27 18.55 -0.35
N LYS B 255 -5.92 19.54 -0.97
CA LYS B 255 -5.25 20.30 -2.00
C LYS B 255 -4.02 20.98 -1.41
N CYS B 256 -2.90 20.87 -2.10
CA CYS B 256 -1.63 21.32 -1.54
C CYS B 256 -1.67 22.79 -1.13
N ASN B 257 -2.36 23.63 -1.92
CA ASN B 257 -2.44 25.04 -1.59
C ASN B 257 -3.24 25.31 -0.32
N GLU B 258 -4.11 24.39 0.08
CA GLU B 258 -4.94 24.57 1.27
C GLU B 258 -4.27 24.08 2.54
N GLY B 259 -3.21 23.29 2.42
CA GLY B 259 -2.48 22.76 3.55
C GLY B 259 -2.16 23.76 4.64
N PRO B 260 -1.56 24.91 4.28
CA PRO B 260 -1.16 25.89 5.31
C PRO B 260 -2.31 26.55 6.05
N THR B 261 -3.53 26.54 5.51
CA THR B 261 -4.67 27.11 6.21
C THR B 261 -5.37 26.11 7.12
N LEU B 262 -4.92 24.86 7.15
CA LEU B 262 -5.55 23.85 7.99
C LEU B 262 -5.35 24.19 9.46
N PRO B 263 -6.27 23.79 10.31
CA PRO B 263 -6.17 24.12 11.73
C PRO B 263 -5.21 23.19 12.47
N ASP B 264 -4.83 23.64 13.66
CA ASP B 264 -3.96 22.85 14.52
C ASP B 264 -4.68 21.63 15.05
N ILE B 265 -3.92 20.56 15.28
CA ILE B 265 -4.41 19.36 15.96
C ILE B 265 -3.66 19.22 17.27
N SER B 266 -4.38 18.98 18.35
CA SER B 266 -3.80 18.95 19.69
C SER B 266 -4.20 17.69 20.43
N PHE B 267 -3.22 17.08 21.10
CA PHE B 267 -3.44 15.92 21.94
C PHE B 267 -3.20 16.33 23.38
N HIS B 268 -4.19 16.08 24.24
CA HIS B 268 -4.11 16.44 25.64
C HIS B 268 -3.52 15.27 26.41
N LEU B 269 -2.25 15.39 26.80
CA LEU B 269 -1.53 14.32 27.49
C LEU B 269 -0.87 14.90 28.74
N GLY B 270 -1.14 14.28 29.88
CA GLY B 270 -0.52 14.70 31.13
C GLY B 270 -0.83 16.12 31.53
N GLY B 271 -2.03 16.60 31.22
CA GLY B 271 -2.44 17.95 31.55
C GLY B 271 -2.05 19.02 30.54
N LYS B 272 -1.08 18.75 29.68
CA LYS B 272 -0.64 19.72 28.68
C LYS B 272 -1.21 19.35 27.31
N GLU B 273 -1.27 20.35 26.43
CA GLU B 273 -1.72 20.17 25.07
C GLU B 273 -0.50 20.07 24.16
N TYR B 274 -0.42 18.99 23.39
CA TYR B 274 0.67 18.79 22.45
C TYR B 274 0.12 19.08 21.05
N THR B 275 0.54 20.22 20.49
CA THR B 275 -0.07 20.75 19.28
C THR B 275 0.82 20.49 18.08
N LEU B 276 0.21 19.99 17.01
CA LEU B 276 0.84 19.84 15.71
C LEU B 276 0.19 20.81 14.74
N THR B 277 1.01 21.59 14.04
CA THR B 277 0.49 22.48 13.01
C THR B 277 0.45 21.75 11.68
N SER B 278 -0.32 22.30 10.74
CA SER B 278 -0.46 21.68 9.42
C SER B 278 0.89 21.35 8.81
N ALA B 279 1.87 22.24 8.96
CA ALA B 279 3.23 21.91 8.52
C ALA B 279 3.76 20.65 9.19
N ASP B 280 3.38 20.41 10.45
CA ASP B 280 3.90 19.23 11.15
C ASP B 280 3.28 17.95 10.60
N TYR B 281 2.04 18.00 10.13
CA TYR B 281 1.32 16.76 9.79
C TYR B 281 0.89 16.65 8.33
N VAL B 282 1.25 17.60 7.47
CA VAL B 282 0.99 17.49 6.03
C VAL B 282 2.33 17.35 5.32
N PHE B 283 2.38 16.44 4.34
CA PHE B 283 3.53 16.29 3.45
C PHE B 283 3.39 17.32 2.33
N GLN B 284 3.99 18.50 2.51
CA GLN B 284 3.86 19.56 1.51
C GLN B 284 4.92 19.37 0.43
N GLU B 285 4.71 18.34 -0.40
CA GLU B 285 5.48 18.15 -1.62
C GLU B 285 5.35 19.35 -2.56
N SER B 286 4.29 20.12 -2.43
CA SER B 286 4.00 21.24 -3.31
C SER B 286 3.00 22.14 -2.59
N TYR B 287 2.81 23.34 -3.14
CA TYR B 287 1.77 24.23 -2.65
C TYR B 287 0.76 24.55 -3.74
N SER B 288 0.76 23.80 -4.83
CA SER B 288 -0.12 24.06 -5.96
C SER B 288 -1.55 23.65 -5.65
N SER B 289 -2.50 24.49 -6.07
CA SER B 289 -3.92 24.16 -6.03
C SER B 289 -4.29 23.08 -7.04
N LYS B 290 -3.33 22.56 -7.78
CA LYS B 290 -3.59 21.51 -8.76
C LYS B 290 -2.96 20.19 -8.36
N LYS B 291 -2.63 20.01 -7.08
CA LYS B 291 -2.03 18.77 -6.62
C LYS B 291 -2.59 18.39 -5.26
N LEU B 292 -2.52 17.10 -4.95
CA LEU B 292 -3.02 16.54 -3.71
C LEU B 292 -1.87 16.24 -2.78
N CYS B 293 -1.96 16.69 -1.53
CA CYS B 293 -0.91 16.52 -0.55
C CYS B 293 -1.37 15.55 0.55
N THR B 294 -0.53 14.57 0.86
CA THR B 294 -0.86 13.53 1.82
C THR B 294 -0.74 14.05 3.26
N LEU B 295 -1.71 13.66 4.10
CA LEU B 295 -1.64 13.91 5.54
C LEU B 295 -1.01 12.71 6.23
N ALA B 296 -0.10 12.97 7.17
CA ALA B 296 0.59 11.89 7.86
C ALA B 296 -0.25 11.34 9.01
N ILE B 297 -1.51 11.05 8.71
CA ILE B 297 -2.45 10.45 9.65
C ILE B 297 -3.31 9.47 8.86
N HIS B 298 -3.66 8.35 9.48
CA HIS B 298 -4.62 7.45 8.85
C HIS B 298 -5.25 6.59 9.93
N ALA B 299 -6.28 5.83 9.55
CA ALA B 299 -7.02 5.01 10.49
C ALA B 299 -6.35 3.65 10.66
N MET B 300 -6.29 3.20 11.91
CA MET B 300 -5.87 1.84 12.22
C MET B 300 -6.63 1.35 13.44
N ASP B 301 -7.46 0.33 13.26
CA ASP B 301 -8.18 -0.28 14.37
C ASP B 301 -7.31 -1.34 15.00
N ILE B 302 -6.59 -0.94 16.04
CA ILE B 302 -5.68 -1.84 16.74
C ILE B 302 -6.50 -2.77 17.63
N PRO B 303 -6.31 -4.07 17.55
CA PRO B 303 -7.13 -5.00 18.34
C PRO B 303 -6.80 -4.90 19.82
N PRO B 304 -7.73 -5.26 20.68
CA PRO B 304 -7.41 -5.44 22.10
C PRO B 304 -6.51 -6.64 22.30
N PRO B 305 -5.86 -6.78 23.47
CA PRO B 305 -5.93 -5.94 24.67
C PRO B 305 -5.36 -4.52 24.49
N THR B 306 -4.42 -4.35 23.57
CA THR B 306 -3.78 -3.05 23.40
C THR B 306 -4.76 -2.01 22.89
N GLY B 307 -5.58 -2.36 21.90
CA GLY B 307 -6.53 -1.45 21.35
C GLY B 307 -7.89 -1.58 22.01
N PRO B 308 -8.83 -0.72 21.64
CA PRO B 308 -8.67 0.37 20.67
C PRO B 308 -7.82 1.49 21.24
N THR B 309 -6.98 2.11 20.41
CA THR B 309 -6.09 3.13 20.92
C THR B 309 -5.65 4.01 19.77
N TRP B 310 -5.28 5.24 20.10
CA TRP B 310 -4.47 6.02 19.17
C TRP B 310 -3.03 5.50 19.22
N ALA B 311 -2.28 5.80 18.17
CA ALA B 311 -0.85 5.50 18.12
C ALA B 311 -0.11 6.74 17.67
N LEU B 312 0.79 7.23 18.52
CA LEU B 312 1.61 8.40 18.22
C LEU B 312 2.90 7.91 17.57
N GLY B 313 2.94 8.00 16.24
CA GLY B 313 4.11 7.59 15.48
C GLY B 313 5.04 8.75 15.15
N ALA B 314 5.81 8.57 14.08
CA ALA B 314 6.86 9.53 13.72
C ALA B 314 6.30 10.92 13.47
N THR B 315 5.05 11.05 13.01
CA THR B 315 4.46 12.38 12.86
C THR B 315 4.52 13.15 14.17
N PHE B 316 4.32 12.45 15.29
CA PHE B 316 4.36 13.06 16.61
C PHE B 316 5.79 13.19 17.13
N ILE B 317 6.56 12.10 17.06
CA ILE B 317 7.92 12.07 17.59
C ILE B 317 8.77 13.16 16.95
N ARG B 318 8.57 13.40 15.66
CA ARG B 318 9.33 14.42 14.93
C ARG B 318 9.34 15.74 15.68
N LYS B 319 8.19 16.15 16.22
CA LYS B 319 8.16 17.40 16.97
C LYS B 319 8.57 17.21 18.43
N PHE B 320 8.22 16.07 19.03
CA PHE B 320 8.40 15.87 20.47
C PHE B 320 9.39 14.73 20.72
N TYR B 321 10.63 15.10 21.04
CA TYR B 321 11.61 14.14 21.52
C TYR B 321 10.99 13.33 22.66
N THR B 322 11.16 12.01 22.58
CA THR B 322 10.44 11.10 23.48
C THR B 322 11.41 10.22 24.24
N GLU B 323 11.26 10.19 25.56
CA GLU B 323 12.05 9.34 26.45
C GLU B 323 11.16 8.26 27.06
N PHE B 324 11.62 7.00 26.95
CA PHE B 324 10.93 5.85 27.53
C PHE B 324 11.69 5.38 28.76
N ASP B 325 11.00 5.31 29.90
CA ASP B 325 11.64 5.14 31.21
C ASP B 325 11.10 3.89 31.88
N ARG B 326 11.95 2.88 32.03
CA ARG B 326 11.54 1.60 32.59
C ARG B 326 11.56 1.57 34.11
N ARG B 327 12.40 2.40 34.73
CA ARG B 327 12.50 2.41 36.18
C ARG B 327 11.29 3.06 36.83
N ASN B 328 10.78 4.15 36.25
CA ASN B 328 9.62 4.86 36.77
C ASN B 328 8.34 4.57 35.99
N ASN B 329 8.41 3.74 34.95
CA ASN B 329 7.25 3.37 34.13
C ASN B 329 6.49 4.60 33.65
N ARG B 330 7.21 5.46 32.93
CA ARG B 330 6.68 6.72 32.46
C ARG B 330 7.28 7.06 31.10
N ILE B 331 6.62 7.98 30.40
CA ILE B 331 7.11 8.51 29.14
C ILE B 331 7.28 10.02 29.30
N GLY B 332 8.38 10.54 28.77
CA GLY B 332 8.66 11.97 28.83
C GLY B 332 8.73 12.58 27.44
N PHE B 333 8.23 13.80 27.31
CA PHE B 333 8.18 14.51 26.04
C PHE B 333 8.88 15.85 26.16
N ALA B 334 9.80 16.12 25.25
CA ALA B 334 10.42 17.43 25.14
C ALA B 334 10.26 17.92 23.71
N LEU B 335 10.18 19.23 23.55
CA LEU B 335 10.13 19.82 22.23
C LEU B 335 11.45 19.61 21.51
N ALA B 336 11.41 18.85 20.41
CA ALA B 336 12.62 18.40 19.74
C ALA B 336 13.27 19.52 18.92
N ARG B 337 14.58 19.42 18.77
CA ARG B 337 15.34 20.33 17.94
C ARG B 337 16.54 19.62 17.33
C1 NAG C . 6.05 17.11 -28.64
C2 NAG C . 6.77 17.72 -29.84
C3 NAG C . 6.22 19.10 -30.14
C4 NAG C . 4.73 18.99 -30.38
C5 NAG C . 3.99 18.28 -29.25
C6 NAG C . 2.57 17.93 -29.67
C7 NAG C . 9.08 17.34 -30.57
C8 NAG C . 10.52 17.40 -30.19
N2 NAG C . 8.21 17.78 -29.66
O3 NAG C . 6.96 19.57 -31.27
O4 NAG C . 4.21 20.29 -30.59
O5 NAG C . 4.66 17.05 -28.88
O6 NAG C . 1.78 17.24 -28.71
O7 NAG C . 8.71 16.92 -31.67
C01 90D D . -4.69 -8.39 0.10
C02 90D D . -5.15 -7.21 0.93
C03 90D D . -5.36 -5.91 0.14
C04 90D D . -6.56 -5.22 0.22
C05 90D D . -6.75 -4.05 -0.49
C06 90D D . -5.75 -3.56 -1.30
C07 90D D . -4.53 -4.24 -1.41
C08 90D D . -4.36 -5.41 -0.68
C09 90D D . -3.44 -3.72 -2.31
C10 90D D . -2.69 -2.64 -1.88
F11 90D D . -2.98 -2.11 -0.67
C12 90D D . -1.68 -2.07 -2.61
C13 90D D . -1.40 -2.61 -3.85
C14 90D D . -2.12 -3.69 -4.33
C15 90D D . -3.14 -4.26 -3.60
C16 90D D . -3.92 -5.47 -4.17
O17 90D D . -3.45 -5.71 -5.49
C18 90D D . -5.45 -5.25 -4.24
C19 90D D . -5.97 -4.71 -5.54
C20 90D D . -6.48 -3.29 -5.46
N21 90D D . -7.95 -3.21 -5.57
C22 90D D . -8.55 -2.72 -6.66
O23 90D D . -8.69 -3.32 -7.70
O24 90D D . -8.98 -1.47 -6.46
C25 90D D . -9.71 -0.86 -7.56
C26 90D D . -3.41 -6.82 -3.49
C28 90D D . -1.89 -7.03 -3.36
C29 90D D . -1.55 -8.36 -2.68
C30 90D D . -2.27 -9.51 -3.37
N31 90D D . -3.71 -9.23 -3.49
C32 90D D . -4.00 -7.98 -4.19
C33 90D D . -4.70 -10.01 -3.00
O34 90D D . -5.89 -9.72 -3.13
C35 90D D . -4.30 -11.28 -2.28
C36 90D D . -5.50 -12.05 -1.76
C37 90D D . -5.22 -13.54 -1.62
N38 90D D . -5.32 -13.99 -0.22
C39 90D D . -5.22 -15.45 -0.14
C01 90D E . -2.38 -0.99 -13.95
C02 90D E . -2.41 0.41 -13.41
C03 90D E . -2.05 0.49 -11.99
C04 90D E . -2.08 1.69 -11.31
C05 90D E . -1.75 1.77 -9.97
C06 90D E . -1.39 0.62 -9.28
C07 90D E . -1.36 -0.62 -9.93
C08 90D E . -1.68 -0.66 -11.28
C09 90D E . -0.94 -1.85 -9.18
C10 90D E . 0.42 -1.99 -8.92
F11 90D E . 1.25 -1.03 -9.38
C12 90D E . 0.96 -3.06 -8.24
C13 90D E . 0.10 -4.03 -7.77
C14 90D E . -1.26 -3.94 -8.00
C15 90D E . -1.81 -2.87 -8.70
C16 90D E . -3.34 -2.80 -8.92
O17 90D E . -3.95 -3.77 -8.06
C18 90D E . -3.77 -3.11 -10.36
C19 90D E . -3.06 -4.28 -11.02
C20 90D E . -3.19 -4.25 -12.53
N21 90D E . -4.57 -4.31 -12.96
C22 90D E . -5.15 -5.48 -13.28
O23 90D E . -4.56 -6.49 -13.58
O24 90D E . -6.49 -5.38 -13.22
C25 90D E . -7.21 -6.61 -13.45
C26 90D E . -3.93 -1.48 -8.27
C28 90D E . -3.68 -1.21 -6.78
C29 90D E . -4.37 0.07 -6.28
C30 90D E . -5.82 0.10 -6.71
N31 90D E . -5.94 -0.12 -8.14
C32 90D E . -5.39 -1.41 -8.53
C33 90D E . -6.43 0.79 -9.00
O34 90D E . -6.87 1.87 -8.62
C35 90D E . -6.45 0.42 -10.45
C36 90D E . -6.58 1.65 -11.35
C37 90D E . -6.47 1.32 -12.82
N38 90D E . -7.56 1.92 -13.59
C39 90D E . -7.42 3.38 -13.64
C1 NAG F . 14.27 -22.55 23.33
C2 NAG F . 14.27 -23.87 24.08
C3 NAG F . 13.29 -23.80 25.24
C4 NAG F . 13.81 -22.86 26.30
C5 NAG F . 14.39 -21.57 25.70
C6 NAG F . 15.88 -21.44 25.84
C7 NAG F . 14.80 -25.51 22.33
C8 NAG F . 14.27 -26.63 21.48
N2 NAG F . 13.92 -24.97 23.18
O3 NAG F . 13.10 -25.11 25.78
O4 NAG F . 12.76 -22.52 27.20
O5 NAG F . 14.06 -21.42 24.29
O6 NAG F . 16.24 -20.62 26.94
O7 NAG F . 15.96 -25.13 22.26
C01 90D G . 1.00 7.52 1.88
C02 90D G . -0.30 6.81 1.85
C03 90D G . -0.50 5.67 2.87
C04 90D G . -1.55 5.69 3.78
C05 90D G . -1.71 4.66 4.70
C06 90D G . -0.81 3.61 4.72
C07 90D G . 0.25 3.56 3.82
C08 90D G . 0.37 4.59 2.90
C09 90D G . 1.22 2.41 3.83
C10 90D G . 0.72 1.14 3.58
F11 90D G . -0.60 1.02 3.33
C12 90D G . 1.48 0.00 3.57
C13 90D G . 2.84 0.13 3.83
C14 90D G . 3.39 1.38 4.08
C15 90D G . 2.61 2.53 4.10
C16 90D G . 3.29 3.91 4.39
O17 90D G . 4.68 3.70 4.67
C18 90D G . 2.66 4.69 5.56
C19 90D G . 2.16 3.86 6.72
C20 90D G . 1.31 4.67 7.68
N21 90D G . 0.81 3.87 8.77
C22 90D G . 1.21 4.06 10.04
O23 90D G . 2.27 4.56 10.35
O24 90D G . 0.30 3.61 10.91
C25 90D G . 0.58 3.87 12.31
C26 90D G . 3.61 4.69 3.03
C28 90D G . 4.37 3.90 1.98
C29 90D G . 4.61 4.74 0.73
C30 90D G . 5.35 6.01 1.08
N31 90D G . 4.67 6.75 2.15
C32 90D G . 4.37 5.96 3.35
C33 90D G . 4.35 8.07 2.06
O34 90D G . 3.79 8.68 2.95
C35 90D G . 4.72 8.77 0.77
C36 90D G . 4.26 10.23 0.74
C37 90D G . 4.61 10.94 -0.56
N38 90D G . 4.26 12.36 -0.53
C39 90D G . 5.39 13.16 -0.05
C01 90D H . 7.43 -3.33 13.06
C02 90D H . 7.92 -2.70 11.79
C03 90D H . 6.94 -2.85 10.61
C04 90D H . 5.87 -3.73 10.67
C05 90D H . 4.99 -3.85 9.61
C06 90D H . 5.17 -3.10 8.46
C07 90D H . 6.22 -2.18 8.38
C08 90D H . 7.10 -2.09 9.45
C09 90D H . 6.43 -1.37 7.14
C10 90D H . 6.96 -2.03 6.04
F11 90D H . 7.26 -3.34 6.19
C12 90D H . 7.21 -1.44 4.83
C13 90D H . 6.92 -0.10 4.70
C14 90D H . 6.38 0.62 5.76
C15 90D H . 6.13 0.01 6.99
C16 90D H . 5.54 0.85 8.14
O17 90D H . 5.13 2.09 7.58
C18 90D H . 6.57 1.14 9.25
C19 90D H . 7.98 1.45 8.79
C20 90D H . 9.00 1.46 9.92
N21 90D H . 8.56 2.27 11.01
C22 90D H . 9.06 3.49 11.22
O23 90D H . 10.07 3.93 10.68
O24 90D H . 8.34 4.17 12.11
C25 90D H . 8.83 5.47 12.47
C26 90D H . 4.11 0.27 8.53
C28 90D H . 3.03 0.29 7.45
C29 90D H . 1.70 -0.27 7.96
C30 90D H . 1.30 0.38 9.27
N31 90D H . 2.40 0.32 10.22
C32 90D H . 3.61 0.97 9.71
C33 90D H . 2.34 -0.29 11.42
O34 90D H . 1.33 -0.84 11.82
C35 90D H . 3.58 -0.28 12.26
C36 90D H . 3.36 -0.91 13.63
C37 90D H . 4.62 -1.03 14.44
N38 90D H . 4.35 -1.36 15.83
C39 90D H . 3.76 -2.69 15.92
#